data_6GZ6
# 
_entry.id   6GZ6 
# 
_audit_conform.dict_name       mmcif_pdbx.dic 
_audit_conform.dict_version    5.383 
_audit_conform.dict_location   http://mmcif.pdb.org/dictionaries/ascii/mmcif_pdbx.dic 
# 
loop_
_database_2.database_id 
_database_2.database_code 
_database_2.pdbx_database_accession 
_database_2.pdbx_DOI 
PDB   6GZ6         pdb_00006gz6 10.2210/pdb6gz6/pdb 
WWPDB D_1200010765 ?            ?                   
# 
loop_
_pdbx_audit_revision_history.ordinal 
_pdbx_audit_revision_history.data_content_type 
_pdbx_audit_revision_history.major_revision 
_pdbx_audit_revision_history.minor_revision 
_pdbx_audit_revision_history.revision_date 
1 'Structure model' 1 0 2019-04-24 
2 'Structure model' 1 1 2024-01-17 
# 
_pdbx_audit_revision_details.ordinal             1 
_pdbx_audit_revision_details.revision_ordinal    1 
_pdbx_audit_revision_details.data_content_type   'Structure model' 
_pdbx_audit_revision_details.provider            repository 
_pdbx_audit_revision_details.type                'Initial release' 
_pdbx_audit_revision_details.description         ? 
_pdbx_audit_revision_details.details             ? 
# 
loop_
_pdbx_audit_revision_group.ordinal 
_pdbx_audit_revision_group.revision_ordinal 
_pdbx_audit_revision_group.data_content_type 
_pdbx_audit_revision_group.group 
1 2 'Structure model' 'Data collection'        
2 2 'Structure model' 'Database references'    
3 2 'Structure model' 'Derived calculations'   
4 2 'Structure model' 'Refinement description' 
# 
loop_
_pdbx_audit_revision_category.ordinal 
_pdbx_audit_revision_category.revision_ordinal 
_pdbx_audit_revision_category.data_content_type 
_pdbx_audit_revision_category.category 
1 2 'Structure model' chem_comp_atom                
2 2 'Structure model' chem_comp_bond                
3 2 'Structure model' database_2                    
4 2 'Structure model' pdbx_initial_refinement_model 
5 2 'Structure model' pdbx_struct_conn_angle        
6 2 'Structure model' struct_conn                   
# 
loop_
_pdbx_audit_revision_item.ordinal 
_pdbx_audit_revision_item.revision_ordinal 
_pdbx_audit_revision_item.data_content_type 
_pdbx_audit_revision_item.item 
1  2 'Structure model' '_database_2.pdbx_DOI'                        
2  2 'Structure model' '_database_2.pdbx_database_accession'         
3  2 'Structure model' '_pdbx_struct_conn_angle.ptnr1_auth_seq_id'   
4  2 'Structure model' '_pdbx_struct_conn_angle.ptnr1_label_seq_id'  
5  2 'Structure model' '_pdbx_struct_conn_angle.ptnr2_auth_seq_id'   
6  2 'Structure model' '_pdbx_struct_conn_angle.ptnr2_label_asym_id' 
7  2 'Structure model' '_pdbx_struct_conn_angle.ptnr3_auth_seq_id'   
8  2 'Structure model' '_pdbx_struct_conn_angle.ptnr3_label_seq_id'  
9  2 'Structure model' '_pdbx_struct_conn_angle.value'               
10 2 'Structure model' '_struct_conn.pdbx_dist_value'                
11 2 'Structure model' '_struct_conn.ptnr2_auth_seq_id'              
12 2 'Structure model' '_struct_conn.ptnr2_label_asym_id'            
# 
_pdbx_database_status.status_code                     REL 
_pdbx_database_status.status_code_sf                  REL 
_pdbx_database_status.status_code_mr                  ? 
_pdbx_database_status.entry_id                        6GZ6 
_pdbx_database_status.recvd_initial_deposition_date   2018-07-03 
_pdbx_database_status.SG_entry                        N 
_pdbx_database_status.deposit_site                    PDBE 
_pdbx_database_status.process_site                    PDBE 
_pdbx_database_status.status_code_cs                  ? 
_pdbx_database_status.methods_development_category    ? 
_pdbx_database_status.pdb_format_compatible           Y 
_pdbx_database_status.status_code_nmr_data            ? 
# 
loop_
_audit_author.name 
_audit_author.pdbx_ordinal 
_audit_author.identifier_ORCID 
'Bakalar, B.'  1 ? 
'Heddi, B.'    2 ? 
'Schmitt, E.'  3 ? 
'Mechulam, Y.' 4 ? 
'Phan, A.T.'   5 ? 
# 
_citation.abstract                  ? 
_citation.abstract_id_CAS           ? 
_citation.book_id_ISBN              ? 
_citation.book_publisher            ? 
_citation.book_publisher_city       ? 
_citation.book_title                ? 
_citation.coordinate_linkage        ? 
_citation.country                   GE 
_citation.database_id_Medline       ? 
_citation.details                   ? 
_citation.id                        primary 
_citation.journal_abbrev            Angew.Chem.Int.Ed.Engl. 
_citation.journal_id_ASTM           ACIEAY 
_citation.journal_id_CSD            0179 
_citation.journal_id_ISSN           1521-3773 
_citation.journal_full              ? 
_citation.journal_issue             ? 
_citation.journal_volume            58 
_citation.language                  ? 
_citation.page_first                2331 
_citation.page_last                 2335 
_citation.title                     'A Minimal Sequence for Left-Handed G-Quadruplex Formation.' 
_citation.year                      2019 
_citation.database_id_CSD           ? 
_citation.pdbx_database_id_DOI      10.1002/anie.201812628 
_citation.pdbx_database_id_PubMed   30481397 
_citation.unpublished_flag          ? 
# 
loop_
_citation_author.citation_id 
_citation_author.name 
_citation_author.ordinal 
_citation_author.identifier_ORCID 
primary 'Bakalar, B.'  1 ?                   
primary 'Heddi, B.'    2 ?                   
primary 'Schmitt, E.'  3 ?                   
primary 'Mechulam, Y.' 4 ?                   
primary 'Phan, A.T.'   5 0000-0002-4970-3861 
# 
loop_
_entity.id 
_entity.type 
_entity.src_method 
_entity.pdbx_description 
_entity.formula_weight 
_entity.pdbx_number_of_molecules 
_entity.pdbx_ec 
_entity.pdbx_mutation 
_entity.pdbx_fragment 
_entity.details 
1 polymer     syn 'DNA (27-MER)'  8568.456 1  ? ? ? ? 
2 non-polymer syn 'POTASSIUM ION' 39.098   3  ? ? ? ? 
3 water       nat water           18.015   10 ? ? ? ? 
# 
_entity_poly.entity_id                      1 
_entity_poly.type                           polydeoxyribonucleotide 
_entity_poly.nstd_linkage                   no 
_entity_poly.nstd_monomer                   no 
_entity_poly.pdbx_seq_one_letter_code       
;(DG)(DT)(DG)(DG)(DT)(DG)(DG)(DT)(DG)(DG)(DT)(DG)(DT)(DT)(DG)(DT)(DG)(DG)(DT)(DG)
(DG)(DT)(DG)(DG)(DT)(DG)(DT)
;
_entity_poly.pdbx_seq_one_letter_code_can   GTGGTGGTGGTGTTGTGGTGGTGGTGT 
_entity_poly.pdbx_strand_id                 A 
_entity_poly.pdbx_target_identifier         ? 
# 
loop_
_pdbx_entity_nonpoly.entity_id 
_pdbx_entity_nonpoly.name 
_pdbx_entity_nonpoly.comp_id 
2 'POTASSIUM ION' K   
3 water           HOH 
# 
loop_
_entity_poly_seq.entity_id 
_entity_poly_seq.num 
_entity_poly_seq.mon_id 
_entity_poly_seq.hetero 
1 1  DG n 
1 2  DT n 
1 3  DG n 
1 4  DG n 
1 5  DT n 
1 6  DG n 
1 7  DG n 
1 8  DT n 
1 9  DG n 
1 10 DG n 
1 11 DT n 
1 12 DG n 
1 13 DT n 
1 14 DT n 
1 15 DG n 
1 16 DT n 
1 17 DG n 
1 18 DG n 
1 19 DT n 
1 20 DG n 
1 21 DG n 
1 22 DT n 
1 23 DG n 
1 24 DG n 
1 25 DT n 
1 26 DG n 
1 27 DT n 
# 
_pdbx_entity_src_syn.entity_id              1 
_pdbx_entity_src_syn.pdbx_src_id            1 
_pdbx_entity_src_syn.pdbx_alt_source_flag   sample 
_pdbx_entity_src_syn.pdbx_beg_seq_num       1 
_pdbx_entity_src_syn.pdbx_end_seq_num       27 
_pdbx_entity_src_syn.organism_scientific    'Homo sapiens' 
_pdbx_entity_src_syn.organism_common_name   ? 
_pdbx_entity_src_syn.ncbi_taxonomy_id       9606 
_pdbx_entity_src_syn.details                ? 
# 
loop_
_chem_comp.id 
_chem_comp.type 
_chem_comp.mon_nstd_flag 
_chem_comp.name 
_chem_comp.pdbx_synonyms 
_chem_comp.formula 
_chem_comp.formula_weight 
DG  'DNA linking' y "2'-DEOXYGUANOSINE-5'-MONOPHOSPHATE" ? 'C10 H14 N5 O7 P' 347.221 
DT  'DNA linking' y "THYMIDINE-5'-MONOPHOSPHATE"         ? 'C10 H15 N2 O8 P' 322.208 
HOH non-polymer   . WATER                                ? 'H2 O'            18.015  
K   non-polymer   . 'POTASSIUM ION'                      ? 'K 1'             39.098  
# 
loop_
_pdbx_poly_seq_scheme.asym_id 
_pdbx_poly_seq_scheme.entity_id 
_pdbx_poly_seq_scheme.seq_id 
_pdbx_poly_seq_scheme.mon_id 
_pdbx_poly_seq_scheme.ndb_seq_num 
_pdbx_poly_seq_scheme.pdb_seq_num 
_pdbx_poly_seq_scheme.auth_seq_num 
_pdbx_poly_seq_scheme.pdb_mon_id 
_pdbx_poly_seq_scheme.auth_mon_id 
_pdbx_poly_seq_scheme.pdb_strand_id 
_pdbx_poly_seq_scheme.pdb_ins_code 
_pdbx_poly_seq_scheme.hetero 
A 1 1  DG 1  1  1  DG DG A . n 
A 1 2  DT 2  2  2  DT DT A . n 
A 1 3  DG 3  3  3  DG DG A . n 
A 1 4  DG 4  4  4  DG DG A . n 
A 1 5  DT 5  5  5  DT DT A . n 
A 1 6  DG 6  6  6  DG DG A . n 
A 1 7  DG 7  7  7  DG DG A . n 
A 1 8  DT 8  8  8  DT DT A . n 
A 1 9  DG 9  9  9  DG DG A . n 
A 1 10 DG 10 10 10 DG DG A . n 
A 1 11 DT 11 11 11 DT DT A . n 
A 1 12 DG 12 12 12 DG DG A . n 
A 1 13 DT 13 13 13 DT DT A . n 
A 1 14 DT 14 14 14 DT DT A . n 
A 1 15 DG 15 15 15 DG DG A . n 
A 1 16 DT 16 16 16 DT DT A . n 
A 1 17 DG 17 17 17 DG DG A . n 
A 1 18 DG 18 18 18 DG DG A . n 
A 1 19 DT 19 19 19 DT DT A . n 
A 1 20 DG 20 20 20 DG DG A . n 
A 1 21 DG 21 21 21 DG DG A . n 
A 1 22 DT 22 22 22 DT DT A . n 
A 1 23 DG 23 23 23 DG DG A . n 
A 1 24 DG 24 24 24 DG DG A . n 
A 1 25 DT 25 25 25 DT DT A . n 
A 1 26 DG 26 26 26 DG DG A . n 
A 1 27 DT 27 27 27 DT DT A . n 
# 
loop_
_pdbx_nonpoly_scheme.asym_id 
_pdbx_nonpoly_scheme.entity_id 
_pdbx_nonpoly_scheme.mon_id 
_pdbx_nonpoly_scheme.ndb_seq_num 
_pdbx_nonpoly_scheme.pdb_seq_num 
_pdbx_nonpoly_scheme.auth_seq_num 
_pdbx_nonpoly_scheme.pdb_mon_id 
_pdbx_nonpoly_scheme.auth_mon_id 
_pdbx_nonpoly_scheme.pdb_strand_id 
_pdbx_nonpoly_scheme.pdb_ins_code 
B 2 K   1  101 1  K   K   A . 
C 2 K   1  102 2  K   K   A . 
D 2 K   1  103 3  K   K   A . 
E 3 HOH 1  201 11 HOH HOH A . 
E 3 HOH 2  202 2  HOH HOH A . 
E 3 HOH 3  203 7  HOH HOH A . 
E 3 HOH 4  204 9  HOH HOH A . 
E 3 HOH 5  205 1  HOH HOH A . 
E 3 HOH 6  206 8  HOH HOH A . 
E 3 HOH 7  207 4  HOH HOH A . 
E 3 HOH 8  208 10 HOH HOH A . 
E 3 HOH 9  209 5  HOH HOH A . 
E 3 HOH 10 210 3  HOH HOH A . 
# 
loop_
_software.citation_id 
_software.classification 
_software.compiler_name 
_software.compiler_version 
_software.contact_author 
_software.contact_author_email 
_software.date 
_software.description 
_software.dependencies 
_software.hardware 
_software.language 
_software.location 
_software.mods 
_software.name 
_software.os 
_software.os_version 
_software.type 
_software.version 
_software.pdbx_ordinal 
? refinement       ? ? ? ? ? ? ? ? ? ? ? PHENIX ? ? ? 1.9_1692 1 
? 'data reduction' ? ? ? ? ? ? ? ? ? ? ? XDS    ? ? ? .        2 
? 'data scaling'   ? ? ? ? ? ? ? ? ? ? ? XDS    ? ? ? .        3 
? phasing          ? ? ? ? ? ? ? ? ? ? ? PHASER ? ? ? .        4 
# 
_cell.angle_alpha                  90.00 
_cell.angle_alpha_esd              ? 
_cell.angle_beta                   90.00 
_cell.angle_beta_esd               ? 
_cell.angle_gamma                  90.00 
_cell.angle_gamma_esd              ? 
_cell.entry_id                     6GZ6 
_cell.details                      ? 
_cell.formula_units_Z              ? 
_cell.length_a                     29.570 
_cell.length_a_esd                 ? 
_cell.length_b                     37.630 
_cell.length_b_esd                 ? 
_cell.length_c                     54.280 
_cell.length_c_esd                 ? 
_cell.volume                       ? 
_cell.volume_esd                   ? 
_cell.Z_PDB                        4 
_cell.reciprocal_angle_alpha       ? 
_cell.reciprocal_angle_beta        ? 
_cell.reciprocal_angle_gamma       ? 
_cell.reciprocal_angle_alpha_esd   ? 
_cell.reciprocal_angle_beta_esd    ? 
_cell.reciprocal_angle_gamma_esd   ? 
_cell.reciprocal_length_a          ? 
_cell.reciprocal_length_b          ? 
_cell.reciprocal_length_c          ? 
_cell.reciprocal_length_a_esd      ? 
_cell.reciprocal_length_b_esd      ? 
_cell.reciprocal_length_c_esd      ? 
_cell.pdbx_unique_axis             ? 
# 
_symmetry.entry_id                         6GZ6 
_symmetry.cell_setting                     ? 
_symmetry.Int_Tables_number                19 
_symmetry.space_group_name_Hall            ? 
_symmetry.space_group_name_H-M             'P 21 21 21' 
_symmetry.pdbx_full_space_group_name_H-M   ? 
# 
_exptl.absorpt_coefficient_mu     ? 
_exptl.absorpt_correction_T_max   ? 
_exptl.absorpt_correction_T_min   ? 
_exptl.absorpt_correction_type    ? 
_exptl.absorpt_process_details    ? 
_exptl.entry_id                   6GZ6 
_exptl.crystals_number            1 
_exptl.details                    ? 
_exptl.method                     'X-RAY DIFFRACTION' 
_exptl.method_details             ? 
# 
_exptl_crystal.colour                      ? 
_exptl_crystal.density_diffrn              ? 
_exptl_crystal.density_Matthews            1.76 
_exptl_crystal.density_method              ? 
_exptl_crystal.density_percent_sol         30.20 
_exptl_crystal.description                 ? 
_exptl_crystal.F_000                       ? 
_exptl_crystal.id                          1 
_exptl_crystal.preparation                 ? 
_exptl_crystal.size_max                    ? 
_exptl_crystal.size_mid                    ? 
_exptl_crystal.size_min                    ? 
_exptl_crystal.size_rad                    ? 
_exptl_crystal.colour_lustre               ? 
_exptl_crystal.colour_modifier             ? 
_exptl_crystal.colour_primary              ? 
_exptl_crystal.density_meas                ? 
_exptl_crystal.density_meas_esd            ? 
_exptl_crystal.density_meas_gt             ? 
_exptl_crystal.density_meas_lt             ? 
_exptl_crystal.density_meas_temp           ? 
_exptl_crystal.density_meas_temp_esd       ? 
_exptl_crystal.density_meas_temp_gt        ? 
_exptl_crystal.density_meas_temp_lt        ? 
_exptl_crystal.pdbx_crystal_image_url      ? 
_exptl_crystal.pdbx_crystal_image_format   ? 
_exptl_crystal.pdbx_mosaicity              ? 
_exptl_crystal.pdbx_mosaicity_esd          ? 
# 
_exptl_crystal_grow.apparatus       ? 
_exptl_crystal_grow.atmosphere      ? 
_exptl_crystal_grow.crystal_id      1 
_exptl_crystal_grow.details         ? 
_exptl_crystal_grow.method          'VAPOR DIFFUSION, HANGING DROP' 
_exptl_crystal_grow.method_ref      ? 
_exptl_crystal_grow.pH              ? 
_exptl_crystal_grow.pressure        ? 
_exptl_crystal_grow.pressure_esd    ? 
_exptl_crystal_grow.seeding         ? 
_exptl_crystal_grow.seeding_ref     ? 
_exptl_crystal_grow.temp            294 
_exptl_crystal_grow.temp_details    ? 
_exptl_crystal_grow.temp_esd        ? 
_exptl_crystal_grow.time            ? 
_exptl_crystal_grow.pdbx_details    '40% MPD, 12mM Spermine, 80mM KCl, 20mM BaCl2, 40mM NaCacodylate pH7.0' 
_exptl_crystal_grow.pdbx_pH_range   ? 
# 
_diffrn.ambient_environment    ? 
_diffrn.ambient_temp           100 
_diffrn.ambient_temp_details   ? 
_diffrn.ambient_temp_esd       ? 
_diffrn.crystal_id             1 
_diffrn.crystal_support        ? 
_diffrn.crystal_treatment      ? 
_diffrn.details                ? 
_diffrn.id                     1 
_diffrn.ambient_pressure       ? 
_diffrn.ambient_pressure_esd   ? 
_diffrn.ambient_pressure_gt    ? 
_diffrn.ambient_pressure_lt    ? 
_diffrn.ambient_temp_gt        ? 
_diffrn.ambient_temp_lt        ? 
# 
_diffrn_detector.details                      ? 
_diffrn_detector.detector                     CCD 
_diffrn_detector.diffrn_id                    1 
_diffrn_detector.type                         'ADSC QUANTUM 315' 
_diffrn_detector.area_resol_mean              ? 
_diffrn_detector.dtime                        ? 
_diffrn_detector.pdbx_frames_total            ? 
_diffrn_detector.pdbx_collection_time_total   ? 
_diffrn_detector.pdbx_collection_date         2016-03-16 
# 
_diffrn_radiation.collimation                      ? 
_diffrn_radiation.diffrn_id                        1 
_diffrn_radiation.filter_edge                      ? 
_diffrn_radiation.inhomogeneity                    ? 
_diffrn_radiation.monochromator                    ? 
_diffrn_radiation.polarisn_norm                    ? 
_diffrn_radiation.polarisn_ratio                   ? 
_diffrn_radiation.probe                            ? 
_diffrn_radiation.type                             ? 
_diffrn_radiation.xray_symbol                      ? 
_diffrn_radiation.wavelength_id                    1 
_diffrn_radiation.pdbx_monochromatic_or_laue_m_l   M 
_diffrn_radiation.pdbx_wavelength_list             ? 
_diffrn_radiation.pdbx_wavelength                  ? 
_diffrn_radiation.pdbx_diffrn_protocol             'SINGLE WAVELENGTH' 
_diffrn_radiation.pdbx_analyzer                    ? 
_diffrn_radiation.pdbx_scattering_type             x-ray 
# 
_diffrn_radiation_wavelength.id           1 
_diffrn_radiation_wavelength.wavelength   0.999996 
_diffrn_radiation_wavelength.wt           1.0 
# 
_diffrn_source.current                     ? 
_diffrn_source.details                     ? 
_diffrn_source.diffrn_id                   1 
_diffrn_source.power                       ? 
_diffrn_source.size                        ? 
_diffrn_source.source                      SYNCHROTRON 
_diffrn_source.target                      ? 
_diffrn_source.type                        'ALS BEAMLINE 12.3.1' 
_diffrn_source.voltage                     ? 
_diffrn_source.take-off_angle              ? 
_diffrn_source.pdbx_wavelength_list        0.999996 
_diffrn_source.pdbx_wavelength             ? 
_diffrn_source.pdbx_synchrotron_beamline   12.3.1 
_diffrn_source.pdbx_synchrotron_site       ALS 
# 
_reflns.B_iso_Wilson_estimate            ? 
_reflns.entry_id                         6GZ6 
_reflns.data_reduction_details           ? 
_reflns.data_reduction_method            ? 
_reflns.d_resolution_high                2.0 
_reflns.d_resolution_low                 31 
_reflns.details                          ? 
_reflns.limit_h_max                      ? 
_reflns.limit_h_min                      ? 
_reflns.limit_k_max                      ? 
_reflns.limit_k_min                      ? 
_reflns.limit_l_max                      ? 
_reflns.limit_l_min                      ? 
_reflns.number_all                       ? 
_reflns.number_obs                       4341 
_reflns.observed_criterion               ? 
_reflns.observed_criterion_F_max         ? 
_reflns.observed_criterion_F_min         ? 
_reflns.observed_criterion_I_max         ? 
_reflns.observed_criterion_I_min         ? 
_reflns.observed_criterion_sigma_F       0 
_reflns.observed_criterion_sigma_I       0 
_reflns.percent_possible_obs             98.9 
_reflns.R_free_details                   ? 
_reflns.Rmerge_F_all                     ? 
_reflns.Rmerge_F_obs                     ? 
_reflns.Friedel_coverage                 ? 
_reflns.number_gt                        ? 
_reflns.threshold_expression             ? 
_reflns.pdbx_redundancy                  13.0 
_reflns.pdbx_Rmerge_I_obs                ? 
_reflns.pdbx_Rmerge_I_all                ? 
_reflns.pdbx_Rsym_value                  0.089 
_reflns.pdbx_netI_over_av_sigmaI         ? 
_reflns.pdbx_netI_over_sigmaI            18.3 
_reflns.pdbx_res_netI_over_av_sigmaI_2   ? 
_reflns.pdbx_res_netI_over_sigmaI_2      ? 
_reflns.pdbx_chi_squared                 ? 
_reflns.pdbx_scaling_rejects             ? 
_reflns.pdbx_d_res_high_opt              ? 
_reflns.pdbx_d_res_low_opt               ? 
_reflns.pdbx_d_res_opt_method            ? 
_reflns.phase_calculation_details        ? 
_reflns.pdbx_Rrim_I_all                  ? 
_reflns.pdbx_Rpim_I_all                  ? 
_reflns.pdbx_d_opt                       ? 
_reflns.pdbx_number_measured_all         ? 
_reflns.pdbx_diffrn_id                   1 
_reflns.pdbx_ordinal                     1 
_reflns.pdbx_CC_half                     0.999 
_reflns.pdbx_R_split                     ? 
# 
_reflns_shell.d_res_high                  2.01 
_reflns_shell.d_res_low                   2.13 
_reflns_shell.meanI_over_sigI_all         ? 
_reflns_shell.meanI_over_sigI_obs         3.95 
_reflns_shell.number_measured_all         ? 
_reflns_shell.number_measured_obs         ? 
_reflns_shell.number_possible             ? 
_reflns_shell.number_unique_all           ? 
_reflns_shell.number_unique_obs           646 
_reflns_shell.percent_possible_all        93.6 
_reflns_shell.percent_possible_obs        ? 
_reflns_shell.Rmerge_F_all                ? 
_reflns_shell.Rmerge_F_obs                ? 
_reflns_shell.Rmerge_I_all                ? 
_reflns_shell.Rmerge_I_obs                ? 
_reflns_shell.meanI_over_sigI_gt          ? 
_reflns_shell.meanI_over_uI_all           ? 
_reflns_shell.meanI_over_uI_gt            ? 
_reflns_shell.number_measured_gt          ? 
_reflns_shell.number_unique_gt            ? 
_reflns_shell.percent_possible_gt         ? 
_reflns_shell.Rmerge_F_gt                 ? 
_reflns_shell.Rmerge_I_gt                 ? 
_reflns_shell.pdbx_redundancy             13.4 
_reflns_shell.pdbx_Rsym_value             0.668 
_reflns_shell.pdbx_chi_squared            ? 
_reflns_shell.pdbx_netI_over_sigmaI_all   ? 
_reflns_shell.pdbx_netI_over_sigmaI_obs   ? 
_reflns_shell.pdbx_Rrim_I_all             ? 
_reflns_shell.pdbx_Rpim_I_all             ? 
_reflns_shell.pdbx_rejects                ? 
_reflns_shell.pdbx_ordinal                1 
_reflns_shell.pdbx_diffrn_id              1 
_reflns_shell.pdbx_CC_half                0.958 
_reflns_shell.pdbx_R_split                ? 
# 
_refine.aniso_B[1][1]                            ? 
_refine.aniso_B[1][2]                            ? 
_refine.aniso_B[1][3]                            ? 
_refine.aniso_B[2][2]                            ? 
_refine.aniso_B[2][3]                            ? 
_refine.aniso_B[3][3]                            ? 
_refine.B_iso_max                                ? 
_refine.B_iso_mean                               ? 
_refine.B_iso_min                                ? 
_refine.correlation_coeff_Fo_to_Fc               ? 
_refine.correlation_coeff_Fo_to_Fc_free          ? 
_refine.details                                  ? 
_refine.diff_density_max                         ? 
_refine.diff_density_max_esd                     ? 
_refine.diff_density_min                         ? 
_refine.diff_density_min_esd                     ? 
_refine.diff_density_rms                         ? 
_refine.diff_density_rms_esd                     ? 
_refine.entry_id                                 6GZ6 
_refine.pdbx_refine_id                           'X-RAY DIFFRACTION' 
_refine.ls_abs_structure_details                 ? 
_refine.ls_abs_structure_Flack                   ? 
_refine.ls_abs_structure_Flack_esd               ? 
_refine.ls_abs_structure_Rogers                  ? 
_refine.ls_abs_structure_Rogers_esd              ? 
_refine.ls_d_res_high                            2.006 
_refine.ls_d_res_low                             30.925 
_refine.ls_extinction_coef                       ? 
_refine.ls_extinction_coef_esd                   ? 
_refine.ls_extinction_expression                 ? 
_refine.ls_extinction_method                     ? 
_refine.ls_goodness_of_fit_all                   ? 
_refine.ls_goodness_of_fit_all_esd               ? 
_refine.ls_goodness_of_fit_obs                   ? 
_refine.ls_goodness_of_fit_obs_esd               ? 
_refine.ls_hydrogen_treatment                    ? 
_refine.ls_matrix_type                           ? 
_refine.ls_number_constraints                    ? 
_refine.ls_number_parameters                     ? 
_refine.ls_number_reflns_all                     ? 
_refine.ls_number_reflns_obs                     4285 
_refine.ls_number_reflns_R_free                  199 
_refine.ls_number_reflns_R_work                  ? 
_refine.ls_number_restraints                     ? 
_refine.ls_percent_reflns_obs                    98.26 
_refine.ls_percent_reflns_R_free                 4.64 
_refine.ls_R_factor_all                          ? 
_refine.ls_R_factor_obs                          0.1869 
_refine.ls_R_factor_R_free                       0.2308 
_refine.ls_R_factor_R_free_error                 ? 
_refine.ls_R_factor_R_free_error_details         ? 
_refine.ls_R_factor_R_work                       0.1849 
_refine.ls_R_Fsqd_factor_obs                     ? 
_refine.ls_R_I_factor_obs                        ? 
_refine.ls_redundancy_reflns_all                 ? 
_refine.ls_redundancy_reflns_obs                 ? 
_refine.ls_restrained_S_all                      ? 
_refine.ls_restrained_S_obs                      ? 
_refine.ls_shift_over_esd_max                    ? 
_refine.ls_shift_over_esd_mean                   ? 
_refine.ls_structure_factor_coef                 ? 
_refine.ls_weighting_details                     ? 
_refine.ls_weighting_scheme                      ? 
_refine.ls_wR_factor_all                         ? 
_refine.ls_wR_factor_obs                         ? 
_refine.ls_wR_factor_R_free                      ? 
_refine.ls_wR_factor_R_work                      ? 
_refine.occupancy_max                            ? 
_refine.occupancy_min                            ? 
_refine.solvent_model_details                    ? 
_refine.solvent_model_param_bsol                 ? 
_refine.solvent_model_param_ksol                 ? 
_refine.ls_R_factor_gt                           ? 
_refine.ls_goodness_of_fit_gt                    ? 
_refine.ls_goodness_of_fit_ref                   ? 
_refine.ls_shift_over_su_max                     ? 
_refine.ls_shift_over_su_max_lt                  ? 
_refine.ls_shift_over_su_mean                    ? 
_refine.ls_shift_over_su_mean_lt                 ? 
_refine.pdbx_ls_sigma_I                          ? 
_refine.pdbx_ls_sigma_F                          1.34 
_refine.pdbx_ls_sigma_Fsqd                       ? 
_refine.pdbx_data_cutoff_high_absF               ? 
_refine.pdbx_data_cutoff_high_rms_absF           ? 
_refine.pdbx_data_cutoff_low_absF                ? 
_refine.pdbx_isotropic_thermal_model             ? 
_refine.pdbx_ls_cross_valid_method               'FREE R-VALUE' 
_refine.pdbx_method_to_determine_struct          'MOLECULAR REPLACEMENT' 
_refine.pdbx_starting_model                      4M5U 
_refine.pdbx_stereochemistry_target_values       ? 
_refine.pdbx_R_Free_selection_details            ? 
_refine.pdbx_stereochem_target_val_spec_case     ? 
_refine.pdbx_overall_ESU_R                       ? 
_refine.pdbx_overall_ESU_R_Free                  ? 
_refine.pdbx_solvent_vdw_probe_radii             1.11 
_refine.pdbx_solvent_ion_probe_radii             ? 
_refine.pdbx_solvent_shrinkage_radii             0.90 
_refine.pdbx_real_space_R                        ? 
_refine.pdbx_density_correlation                 ? 
_refine.pdbx_pd_number_of_powder_patterns        ? 
_refine.pdbx_pd_number_of_points                 ? 
_refine.pdbx_pd_meas_number_of_points            ? 
_refine.pdbx_pd_proc_ls_prof_R_factor            ? 
_refine.pdbx_pd_proc_ls_prof_wR_factor           ? 
_refine.pdbx_pd_Marquardt_correlation_coeff      ? 
_refine.pdbx_pd_Fsqrd_R_factor                   ? 
_refine.pdbx_pd_ls_matrix_band_width             ? 
_refine.pdbx_overall_phase_error                 28.78 
_refine.pdbx_overall_SU_R_free_Cruickshank_DPI   ? 
_refine.pdbx_overall_SU_R_free_Blow_DPI          ? 
_refine.pdbx_overall_SU_R_Blow_DPI               ? 
_refine.pdbx_TLS_residual_ADP_flag               ? 
_refine.pdbx_diffrn_id                           1 
_refine.overall_SU_B                             ? 
_refine.overall_SU_ML                            0.06 
_refine.overall_SU_R_Cruickshank_DPI             ? 
_refine.overall_SU_R_free                        ? 
_refine.overall_FOM_free_R_set                   ? 
_refine.overall_FOM_work_R_set                   ? 
_refine.pdbx_average_fsc_overall                 ? 
_refine.pdbx_average_fsc_work                    ? 
_refine.pdbx_average_fsc_free                    ? 
# 
_refine_hist.pdbx_refine_id                   'X-RAY DIFFRACTION' 
_refine_hist.cycle_id                         LAST 
_refine_hist.pdbx_number_atoms_protein        0 
_refine_hist.pdbx_number_atoms_nucleic_acid   569 
_refine_hist.pdbx_number_atoms_ligand         3 
_refine_hist.number_atoms_solvent             10 
_refine_hist.number_atoms_total               582 
_refine_hist.d_res_high                       2.006 
_refine_hist.d_res_low                        30.925 
# 
loop_
_refine_ls_restr.pdbx_refine_id 
_refine_ls_restr.criterion 
_refine_ls_restr.dev_ideal 
_refine_ls_restr.dev_ideal_target 
_refine_ls_restr.number 
_refine_ls_restr.rejects 
_refine_ls_restr.type 
_refine_ls_restr.weight 
_refine_ls_restr.pdbx_restraint_function 
'X-RAY DIFFRACTION' ? 0.008  ? 638 ? f_bond_d           ? ? 
'X-RAY DIFFRACTION' ? 0.997  ? 990 ? f_angle_d          ? ? 
'X-RAY DIFFRACTION' ? 38.396 ? 266 ? f_dihedral_angle_d ? ? 
'X-RAY DIFFRACTION' ? 0.049  ? 107 ? f_chiral_restr     ? ? 
'X-RAY DIFFRACTION' ? 0.010  ? 27  ? f_plane_restr      ? ? 
# 
_refine_ls_shell.pdbx_refine_id                   'X-RAY DIFFRACTION' 
_refine_ls_shell.d_res_high                       2.0062 
_refine_ls_shell.d_res_low                        30.9290 
_refine_ls_shell.number_reflns_all                ? 
_refine_ls_shell.number_reflns_obs                ? 
_refine_ls_shell.number_reflns_R_free             199 
_refine_ls_shell.number_reflns_R_work             4086 
_refine_ls_shell.percent_reflns_obs               98.00 
_refine_ls_shell.percent_reflns_R_free            ? 
_refine_ls_shell.R_factor_all                     ? 
_refine_ls_shell.R_factor_obs                     ? 
_refine_ls_shell.R_factor_R_free                  0.2308 
_refine_ls_shell.R_factor_R_free_error            ? 
_refine_ls_shell.R_factor_R_work                  0.1849 
_refine_ls_shell.redundancy_reflns_all            ? 
_refine_ls_shell.redundancy_reflns_obs            ? 
_refine_ls_shell.wR_factor_all                    ? 
_refine_ls_shell.wR_factor_obs                    ? 
_refine_ls_shell.wR_factor_R_free                 ? 
_refine_ls_shell.wR_factor_R_work                 ? 
_refine_ls_shell.pdbx_total_number_of_bins_used   ? 
_refine_ls_shell.pdbx_phase_error                 ? 
_refine_ls_shell.pdbx_fsc_work                    ? 
_refine_ls_shell.pdbx_fsc_free                    ? 
# 
_struct.entry_id                     6GZ6 
_struct.title                        'Structure of a left-handed G-quadruplex' 
_struct.pdbx_model_details           ? 
_struct.pdbx_formula_weight          ? 
_struct.pdbx_formula_weight_method   ? 
_struct.pdbx_model_type_details      ? 
_struct.pdbx_CASP_flag               N 
# 
_struct_keywords.entry_id        6GZ6 
_struct_keywords.text            'G-quadruplex, DNA' 
_struct_keywords.pdbx_keywords   DNA 
# 
loop_
_struct_asym.id 
_struct_asym.pdbx_blank_PDB_chainid_flag 
_struct_asym.pdbx_modified 
_struct_asym.entity_id 
_struct_asym.details 
A N N 1 ? 
B N N 2 ? 
C N N 2 ? 
D N N 2 ? 
E N N 3 ? 
# 
_struct_ref.id                         1 
_struct_ref.db_name                    PDB 
_struct_ref.db_code                    6GZ6 
_struct_ref.pdbx_db_accession          6GZ6 
_struct_ref.pdbx_db_isoform            ? 
_struct_ref.entity_id                  1 
_struct_ref.pdbx_seq_one_letter_code   ? 
_struct_ref.pdbx_align_begin           1 
# 
_struct_ref_seq.align_id                      1 
_struct_ref_seq.ref_id                        1 
_struct_ref_seq.pdbx_PDB_id_code              6GZ6 
_struct_ref_seq.pdbx_strand_id                A 
_struct_ref_seq.seq_align_beg                 1 
_struct_ref_seq.pdbx_seq_align_beg_ins_code   ? 
_struct_ref_seq.seq_align_end                 27 
_struct_ref_seq.pdbx_seq_align_end_ins_code   ? 
_struct_ref_seq.pdbx_db_accession             6GZ6 
_struct_ref_seq.db_align_beg                  1 
_struct_ref_seq.pdbx_db_align_beg_ins_code    ? 
_struct_ref_seq.db_align_end                  27 
_struct_ref_seq.pdbx_db_align_end_ins_code    ? 
_struct_ref_seq.pdbx_auth_seq_align_beg       1 
_struct_ref_seq.pdbx_auth_seq_align_end       27 
# 
_pdbx_struct_assembly.id                   1 
_pdbx_struct_assembly.details              author_and_software_defined_assembly 
_pdbx_struct_assembly.method_details       PISA 
_pdbx_struct_assembly.oligomeric_details   monomeric 
_pdbx_struct_assembly.oligomeric_count     1 
# 
loop_
_pdbx_struct_assembly_prop.biol_id 
_pdbx_struct_assembly_prop.type 
_pdbx_struct_assembly_prop.value 
_pdbx_struct_assembly_prop.details 
1 'ABSA (A^2)' 630  ? 
1 MORE         -1   ? 
1 'SSA (A^2)'  3900 ? 
# 
_pdbx_struct_assembly_gen.assembly_id       1 
_pdbx_struct_assembly_gen.oper_expression   1 
_pdbx_struct_assembly_gen.asym_id_list      A,B,C,D,E 
# 
_pdbx_struct_assembly_auth_evidence.id                     1 
_pdbx_struct_assembly_auth_evidence.assembly_id            1 
_pdbx_struct_assembly_auth_evidence.experimental_support   none 
_pdbx_struct_assembly_auth_evidence.details                ? 
# 
_pdbx_struct_oper_list.id                   1 
_pdbx_struct_oper_list.type                 'identity operation' 
_pdbx_struct_oper_list.name                 1_555 
_pdbx_struct_oper_list.symmetry_operation   x,y,z 
_pdbx_struct_oper_list.matrix[1][1]         1.0000000000 
_pdbx_struct_oper_list.matrix[1][2]         0.0000000000 
_pdbx_struct_oper_list.matrix[1][3]         0.0000000000 
_pdbx_struct_oper_list.vector[1]            0.0000000000 
_pdbx_struct_oper_list.matrix[2][1]         0.0000000000 
_pdbx_struct_oper_list.matrix[2][2]         1.0000000000 
_pdbx_struct_oper_list.matrix[2][3]         0.0000000000 
_pdbx_struct_oper_list.vector[2]            0.0000000000 
_pdbx_struct_oper_list.matrix[3][1]         0.0000000000 
_pdbx_struct_oper_list.matrix[3][2]         0.0000000000 
_pdbx_struct_oper_list.matrix[3][3]         1.0000000000 
_pdbx_struct_oper_list.vector[3]            0.0000000000 
# 
loop_
_struct_conn.id 
_struct_conn.conn_type_id 
_struct_conn.pdbx_leaving_atom_flag 
_struct_conn.pdbx_PDB_id 
_struct_conn.ptnr1_label_asym_id 
_struct_conn.ptnr1_label_comp_id 
_struct_conn.ptnr1_label_seq_id 
_struct_conn.ptnr1_label_atom_id 
_struct_conn.pdbx_ptnr1_label_alt_id 
_struct_conn.pdbx_ptnr1_PDB_ins_code 
_struct_conn.pdbx_ptnr1_standard_comp_id 
_struct_conn.ptnr1_symmetry 
_struct_conn.ptnr2_label_asym_id 
_struct_conn.ptnr2_label_comp_id 
_struct_conn.ptnr2_label_seq_id 
_struct_conn.ptnr2_label_atom_id 
_struct_conn.pdbx_ptnr2_label_alt_id 
_struct_conn.pdbx_ptnr2_PDB_ins_code 
_struct_conn.ptnr1_auth_asym_id 
_struct_conn.ptnr1_auth_comp_id 
_struct_conn.ptnr1_auth_seq_id 
_struct_conn.ptnr2_auth_asym_id 
_struct_conn.ptnr2_auth_comp_id 
_struct_conn.ptnr2_auth_seq_id 
_struct_conn.ptnr2_symmetry 
_struct_conn.pdbx_ptnr3_label_atom_id 
_struct_conn.pdbx_ptnr3_label_seq_id 
_struct_conn.pdbx_ptnr3_label_comp_id 
_struct_conn.pdbx_ptnr3_label_asym_id 
_struct_conn.pdbx_ptnr3_label_alt_id 
_struct_conn.pdbx_ptnr3_PDB_ins_code 
_struct_conn.details 
_struct_conn.pdbx_dist_value 
_struct_conn.pdbx_value_order 
_struct_conn.pdbx_role 
metalc1  metalc ? ? A DG 1  O6 ? ? ? 1_555 C K  .  K  ? ? A DG 1  A K  102 1_555 ? ? ? ? ? ? ?           2.812 ? ? 
metalc2  metalc ? ? A DG 1  O6 ? ? ? 1_555 D K  .  K  ? ? A DG 1  A K  103 1_555 ? ? ? ? ? ? ?           2.966 ? ? 
metalc3  metalc ? ? A DG 3  O6 ? ? ? 1_555 C K  .  K  ? ? A DG 3  A K  102 1_555 ? ? ? ? ? ? ?           2.990 ? ? 
metalc4  metalc ? ? A DG 4  O6 ? ? ? 1_555 C K  .  K  ? ? A DG 4  A K  102 1_555 ? ? ? ? ? ? ?           2.883 ? ? 
metalc5  metalc ? ? A DG 4  O6 ? ? ? 1_555 D K  .  K  ? ? A DG 4  A K  103 1_555 ? ? ? ? ? ? ?           2.917 ? ? 
metalc6  metalc ? ? A DG 6  O6 ? ? ? 1_555 C K  .  K  ? ? A DG 6  A K  102 1_555 ? ? ? ? ? ? ?           2.907 ? ? 
metalc7  metalc ? ? A DG 7  O6 ? ? ? 1_555 C K  .  K  ? ? A DG 7  A K  102 1_555 ? ? ? ? ? ? ?           2.881 ? ? 
metalc8  metalc ? ? A DG 7  O6 ? ? ? 1_555 D K  .  K  ? ? A DG 7  A K  103 1_555 ? ? ? ? ? ? ?           2.808 ? ? 
metalc9  metalc ? ? A DG 9  O6 ? ? ? 1_555 C K  .  K  ? ? A DG 9  A K  102 1_555 ? ? ? ? ? ? ?           2.914 ? ? 
metalc10 metalc ? ? A DG 10 O6 ? ? ? 1_555 C K  .  K  ? ? A DG 10 A K  102 1_555 ? ? ? ? ? ? ?           2.870 ? ? 
metalc11 metalc ? ? A DG 10 O6 ? ? ? 1_555 D K  .  K  ? ? A DG 10 A K  103 1_555 ? ? ? ? ? ? ?           2.883 ? ? 
metalc12 metalc ? ? A DG 12 O6 ? ? ? 1_555 C K  .  K  ? ? A DG 12 A K  102 1_555 ? ? ? ? ? ? ?           2.903 ? ? 
metalc13 metalc ? ? A DG 15 O6 ? ? ? 1_555 B K  .  K  ? ? A DG 15 A K  101 1_555 ? ? ? ? ? ? ?           2.779 ? ? 
metalc14 metalc ? ? A DG 15 O6 ? ? ? 1_555 D K  .  K  ? ? A DG 15 A K  103 1_555 ? ? ? ? ? ? ?           2.863 ? ? 
metalc15 metalc ? ? A DG 17 O6 ? ? ? 1_555 B K  .  K  ? ? A DG 17 A K  101 1_555 ? ? ? ? ? ? ?           2.790 ? ? 
metalc16 metalc ? ? A DG 18 O6 ? ? ? 1_555 B K  .  K  ? ? A DG 18 A K  101 1_555 ? ? ? ? ? ? ?           2.878 ? ? 
metalc17 metalc ? ? A DG 18 O6 ? ? ? 1_555 D K  .  K  ? ? A DG 18 A K  103 1_555 ? ? ? ? ? ? ?           2.799 ? ? 
metalc18 metalc ? ? A DG 20 O6 ? ? ? 1_555 B K  .  K  ? ? A DG 20 A K  101 1_555 ? ? ? ? ? ? ?           2.882 ? ? 
metalc19 metalc ? ? A DG 21 O6 ? ? ? 1_555 B K  .  K  ? ? A DG 21 A K  101 1_555 ? ? ? ? ? ? ?           3.020 ? ? 
metalc20 metalc ? ? A DG 21 O6 ? ? ? 1_555 D K  .  K  ? ? A DG 21 A K  103 1_555 ? ? ? ? ? ? ?           2.855 ? ? 
metalc21 metalc ? ? A DG 23 O6 ? ? ? 1_555 B K  .  K  ? ? A DG 23 A K  101 1_555 ? ? ? ? ? ? ?           2.887 ? ? 
metalc22 metalc ? ? A DG 24 O6 ? ? ? 1_555 B K  .  K  ? ? A DG 24 A K  101 1_555 ? ? ? ? ? ? ?           2.960 ? ? 
metalc23 metalc ? ? A DG 24 O6 ? ? ? 1_555 D K  .  K  ? ? A DG 24 A K  103 1_555 ? ? ? ? ? ? ?           2.960 ? ? 
metalc24 metalc ? ? A DG 26 O6 ? ? ? 1_555 B K  .  K  ? ? A DG 26 A K  101 1_555 ? ? ? ? ? ? ?           2.684 ? ? 
hydrog1  hydrog ? ? A DG 1  N1 ? ? ? 1_555 A DG 4  O6 ? ? A DG 1  A DG 4   1_555 ? ? ? ? ? ? TYPE_6_PAIR ?     ? ? 
hydrog2  hydrog ? ? A DG 1  N2 ? ? ? 1_555 A DG 4  N7 ? ? A DG 1  A DG 4   1_555 ? ? ? ? ? ? TYPE_6_PAIR ?     ? ? 
hydrog3  hydrog ? ? A DG 1  N7 ? ? ? 1_555 A DG 10 N2 ? ? A DG 1  A DG 10  1_555 ? ? ? ? ? ? TYPE_6_PAIR ?     ? ? 
hydrog4  hydrog ? ? A DG 1  O6 ? ? ? 1_555 A DG 10 N1 ? ? A DG 1  A DG 10  1_555 ? ? ? ? ? ? TYPE_6_PAIR ?     ? ? 
hydrog5  hydrog ? ? A DG 3  N1 ? ? ? 1_555 A DG 6  O6 ? ? A DG 3  A DG 6   1_555 ? ? ? ? ? ? TYPE_6_PAIR ?     ? ? 
hydrog6  hydrog ? ? A DG 3  N2 ? ? ? 1_555 A DG 6  N7 ? ? A DG 3  A DG 6   1_555 ? ? ? ? ? ? TYPE_6_PAIR ?     ? ? 
hydrog7  hydrog ? ? A DG 3  N7 ? ? ? 1_555 A DG 12 N2 ? ? A DG 3  A DG 12  1_555 ? ? ? ? ? ? TYPE_6_PAIR ?     ? ? 
hydrog8  hydrog ? ? A DG 3  O6 ? ? ? 1_555 A DG 12 N1 ? ? A DG 3  A DG 12  1_555 ? ? ? ? ? ? TYPE_6_PAIR ?     ? ? 
hydrog9  hydrog ? ? A DG 4  N1 ? ? ? 1_555 A DG 7  O6 ? ? A DG 4  A DG 7   1_555 ? ? ? ? ? ? TYPE_6_PAIR ?     ? ? 
hydrog10 hydrog ? ? A DG 4  N2 ? ? ? 1_555 A DG 7  N7 ? ? A DG 4  A DG 7   1_555 ? ? ? ? ? ? TYPE_6_PAIR ?     ? ? 
hydrog11 hydrog ? ? A DG 6  N1 ? ? ? 1_555 A DG 9  O6 ? ? A DG 6  A DG 9   1_555 ? ? ? ? ? ? TYPE_6_PAIR ?     ? ? 
hydrog12 hydrog ? ? A DG 6  N2 ? ? ? 1_555 A DG 9  N7 ? ? A DG 6  A DG 9   1_555 ? ? ? ? ? ? TYPE_6_PAIR ?     ? ? 
hydrog13 hydrog ? ? A DG 7  N1 ? ? ? 1_555 A DG 10 O6 ? ? A DG 7  A DG 10  1_555 ? ? ? ? ? ? TYPE_6_PAIR ?     ? ? 
hydrog14 hydrog ? ? A DG 7  N2 ? ? ? 1_555 A DG 10 N7 ? ? A DG 7  A DG 10  1_555 ? ? ? ? ? ? TYPE_6_PAIR ?     ? ? 
hydrog15 hydrog ? ? A DG 9  N1 ? ? ? 1_555 A DG 12 O6 ? ? A DG 9  A DG 12  1_555 ? ? ? ? ? ? TYPE_6_PAIR ?     ? ? 
hydrog16 hydrog ? ? A DG 9  N2 ? ? ? 1_555 A DG 12 N7 ? ? A DG 9  A DG 12  1_555 ? ? ? ? ? ? TYPE_6_PAIR ?     ? ? 
hydrog17 hydrog ? ? A DG 15 N1 ? ? ? 1_555 A DG 18 O6 ? ? A DG 15 A DG 18  1_555 ? ? ? ? ? ? TYPE_6_PAIR ?     ? ? 
hydrog18 hydrog ? ? A DG 15 N2 ? ? ? 1_555 A DG 18 N7 ? ? A DG 15 A DG 18  1_555 ? ? ? ? ? ? TYPE_6_PAIR ?     ? ? 
hydrog19 hydrog ? ? A DG 15 N7 ? ? ? 1_555 A DG 24 N2 ? ? A DG 15 A DG 24  1_555 ? ? ? ? ? ? TYPE_6_PAIR ?     ? ? 
hydrog20 hydrog ? ? A DG 15 O6 ? ? ? 1_555 A DG 24 N1 ? ? A DG 15 A DG 24  1_555 ? ? ? ? ? ? TYPE_6_PAIR ?     ? ? 
hydrog21 hydrog ? ? A DG 17 N1 ? ? ? 1_555 A DG 20 O6 ? ? A DG 17 A DG 20  1_555 ? ? ? ? ? ? TYPE_6_PAIR ?     ? ? 
hydrog22 hydrog ? ? A DG 17 N2 ? ? ? 1_555 A DG 20 N7 ? ? A DG 17 A DG 20  1_555 ? ? ? ? ? ? TYPE_6_PAIR ?     ? ? 
hydrog23 hydrog ? ? A DG 17 N7 ? ? ? 1_555 A DG 26 N2 ? ? A DG 17 A DG 26  1_555 ? ? ? ? ? ? TYPE_6_PAIR ?     ? ? 
hydrog24 hydrog ? ? A DG 17 O6 ? ? ? 1_555 A DG 26 N1 ? ? A DG 17 A DG 26  1_555 ? ? ? ? ? ? TYPE_6_PAIR ?     ? ? 
hydrog25 hydrog ? ? A DG 18 N1 ? ? ? 1_555 A DG 21 O6 ? ? A DG 18 A DG 21  1_555 ? ? ? ? ? ? TYPE_6_PAIR ?     ? ? 
hydrog26 hydrog ? ? A DG 18 N2 ? ? ? 1_555 A DG 21 N7 ? ? A DG 18 A DG 21  1_555 ? ? ? ? ? ? TYPE_6_PAIR ?     ? ? 
hydrog27 hydrog ? ? A DG 20 N1 ? ? ? 1_555 A DG 23 O6 ? ? A DG 20 A DG 23  1_555 ? ? ? ? ? ? TYPE_6_PAIR ?     ? ? 
hydrog28 hydrog ? ? A DG 20 N2 ? ? ? 1_555 A DG 23 N7 ? ? A DG 20 A DG 23  1_555 ? ? ? ? ? ? TYPE_6_PAIR ?     ? ? 
hydrog29 hydrog ? ? A DG 21 N1 ? ? ? 1_555 A DG 24 O6 ? ? A DG 21 A DG 24  1_555 ? ? ? ? ? ? TYPE_6_PAIR ?     ? ? 
hydrog30 hydrog ? ? A DG 21 N2 ? ? ? 1_555 A DG 24 N7 ? ? A DG 21 A DG 24  1_555 ? ? ? ? ? ? TYPE_6_PAIR ?     ? ? 
hydrog31 hydrog ? ? A DG 23 N1 ? ? ? 1_555 A DG 26 O6 ? ? A DG 23 A DG 26  1_555 ? ? ? ? ? ? TYPE_6_PAIR ?     ? ? 
hydrog32 hydrog ? ? A DG 23 N2 ? ? ? 1_555 A DG 26 N7 ? ? A DG 23 A DG 26  1_555 ? ? ? ? ? ? TYPE_6_PAIR ?     ? ? 
# 
loop_
_struct_conn_type.id 
_struct_conn_type.criteria 
_struct_conn_type.reference 
metalc ? ? 
hydrog ? ? 
# 
loop_
_pdbx_struct_conn_angle.id 
_pdbx_struct_conn_angle.ptnr1_label_atom_id 
_pdbx_struct_conn_angle.ptnr1_label_alt_id 
_pdbx_struct_conn_angle.ptnr1_label_asym_id 
_pdbx_struct_conn_angle.ptnr1_label_comp_id 
_pdbx_struct_conn_angle.ptnr1_label_seq_id 
_pdbx_struct_conn_angle.ptnr1_auth_atom_id 
_pdbx_struct_conn_angle.ptnr1_auth_asym_id 
_pdbx_struct_conn_angle.ptnr1_auth_comp_id 
_pdbx_struct_conn_angle.ptnr1_auth_seq_id 
_pdbx_struct_conn_angle.ptnr1_PDB_ins_code 
_pdbx_struct_conn_angle.ptnr1_symmetry 
_pdbx_struct_conn_angle.ptnr2_label_atom_id 
_pdbx_struct_conn_angle.ptnr2_label_alt_id 
_pdbx_struct_conn_angle.ptnr2_label_asym_id 
_pdbx_struct_conn_angle.ptnr2_label_comp_id 
_pdbx_struct_conn_angle.ptnr2_label_seq_id 
_pdbx_struct_conn_angle.ptnr2_auth_atom_id 
_pdbx_struct_conn_angle.ptnr2_auth_asym_id 
_pdbx_struct_conn_angle.ptnr2_auth_comp_id 
_pdbx_struct_conn_angle.ptnr2_auth_seq_id 
_pdbx_struct_conn_angle.ptnr2_PDB_ins_code 
_pdbx_struct_conn_angle.ptnr2_symmetry 
_pdbx_struct_conn_angle.ptnr3_label_atom_id 
_pdbx_struct_conn_angle.ptnr3_label_alt_id 
_pdbx_struct_conn_angle.ptnr3_label_asym_id 
_pdbx_struct_conn_angle.ptnr3_label_comp_id 
_pdbx_struct_conn_angle.ptnr3_label_seq_id 
_pdbx_struct_conn_angle.ptnr3_auth_atom_id 
_pdbx_struct_conn_angle.ptnr3_auth_asym_id 
_pdbx_struct_conn_angle.ptnr3_auth_comp_id 
_pdbx_struct_conn_angle.ptnr3_auth_seq_id 
_pdbx_struct_conn_angle.ptnr3_PDB_ins_code 
_pdbx_struct_conn_angle.ptnr3_symmetry 
_pdbx_struct_conn_angle.value 
_pdbx_struct_conn_angle.value_esd 
1  O6 ? A DG 1  ? A DG 1  ? 1_555 K ? C K . ? A K 102 ? 1_555 O6 ? A DG 3  ? A DG 3  ? 1_555 94.3  ? 
2  O6 ? A DG 1  ? A DG 1  ? 1_555 K ? C K . ? A K 102 ? 1_555 O6 ? A DG 4  ? A DG 4  ? 1_555 70.6  ? 
3  O6 ? A DG 3  ? A DG 3  ? 1_555 K ? C K . ? A K 102 ? 1_555 O6 ? A DG 4  ? A DG 4  ? 1_555 79.8  ? 
4  O6 ? A DG 1  ? A DG 1  ? 1_555 K ? C K . ? A K 102 ? 1_555 O6 ? A DG 6  ? A DG 6  ? 1_555 156.4 ? 
5  O6 ? A DG 3  ? A DG 3  ? 1_555 K ? C K . ? A K 102 ? 1_555 O6 ? A DG 6  ? A DG 6  ? 1_555 67.7  ? 
6  O6 ? A DG 4  ? A DG 4  ? 1_555 K ? C K . ? A K 102 ? 1_555 O6 ? A DG 6  ? A DG 6  ? 1_555 90.5  ? 
7  O6 ? A DG 1  ? A DG 1  ? 1_555 K ? C K . ? A K 102 ? 1_555 O6 ? A DG 7  ? A DG 7  ? 1_555 104.7 ? 
8  O6 ? A DG 3  ? A DG 3  ? 1_555 K ? C K . ? A K 102 ? 1_555 O6 ? A DG 7  ? A DG 7  ? 1_555 130.2 ? 
9  O6 ? A DG 4  ? A DG 4  ? 1_555 K ? C K . ? A K 102 ? 1_555 O6 ? A DG 7  ? A DG 7  ? 1_555 64.7  ? 
10 O6 ? A DG 6  ? A DG 6  ? 1_555 K ? C K . ? A K 102 ? 1_555 O6 ? A DG 7  ? A DG 7  ? 1_555 78.3  ? 
11 O6 ? A DG 1  ? A DG 1  ? 1_555 K ? C K . ? A K 102 ? 1_555 O6 ? A DG 9  ? A DG 9  ? 1_555 134.1 ? 
12 O6 ? A DG 3  ? A DG 3  ? 1_555 K ? C K . ? A K 102 ? 1_555 O6 ? A DG 9  ? A DG 9  ? 1_555 105.5 ? 
13 O6 ? A DG 4  ? A DG 4  ? 1_555 K ? C K . ? A K 102 ? 1_555 O6 ? A DG 9  ? A DG 9  ? 1_555 152.6 ? 
14 O6 ? A DG 6  ? A DG 6  ? 1_555 K ? C K . ? A K 102 ? 1_555 O6 ? A DG 9  ? A DG 9  ? 1_555 67.9  ? 
15 O6 ? A DG 7  ? A DG 7  ? 1_555 K ? C K . ? A K 102 ? 1_555 O6 ? A DG 9  ? A DG 9  ? 1_555 93.5  ? 
16 O6 ? A DG 1  ? A DG 1  ? 1_555 K ? C K . ? A K 102 ? 1_555 O6 ? A DG 10 ? A DG 10 ? 1_555 69.4  ? 
17 O6 ? A DG 3  ? A DG 3  ? 1_555 K ? C K . ? A K 102 ? 1_555 O6 ? A DG 10 ? A DG 10 ? 1_555 159.6 ? 
18 O6 ? A DG 4  ? A DG 4  ? 1_555 K ? C K . ? A K 102 ? 1_555 O6 ? A DG 10 ? A DG 10 ? 1_555 104.9 ? 
19 O6 ? A DG 6  ? A DG 6  ? 1_555 K ? C K . ? A K 102 ? 1_555 O6 ? A DG 10 ? A DG 10 ? 1_555 131.2 ? 
20 O6 ? A DG 7  ? A DG 7  ? 1_555 K ? C K . ? A K 102 ? 1_555 O6 ? A DG 10 ? A DG 10 ? 1_555 68.0  ? 
21 O6 ? A DG 9  ? A DG 9  ? 1_555 K ? C K . ? A K 102 ? 1_555 O6 ? A DG 10 ? A DG 10 ? 1_555 79.7  ? 
22 O6 ? A DG 1  ? A DG 1  ? 1_555 K ? C K . ? A K 102 ? 1_555 O6 ? A DG 12 ? A DG 12 ? 1_555 78.2  ? 
23 O6 ? A DG 3  ? A DG 3  ? 1_555 K ? C K . ? A K 102 ? 1_555 O6 ? A DG 12 ? A DG 12 ? 1_555 68.4  ? 
24 O6 ? A DG 4  ? A DG 4  ? 1_555 K ? C K . ? A K 102 ? 1_555 O6 ? A DG 12 ? A DG 12 ? 1_555 133.1 ? 
25 O6 ? A DG 6  ? A DG 6  ? 1_555 K ? C K . ? A K 102 ? 1_555 O6 ? A DG 12 ? A DG 12 ? 1_555 107.1 ? 
26 O6 ? A DG 7  ? A DG 7  ? 1_555 K ? C K . ? A K 102 ? 1_555 O6 ? A DG 12 ? A DG 12 ? 1_555 160.0 ? 
27 O6 ? A DG 9  ? A DG 9  ? 1_555 K ? C K . ? A K 102 ? 1_555 O6 ? A DG 12 ? A DG 12 ? 1_555 71.8  ? 
28 O6 ? A DG 10 ? A DG 10 ? 1_555 K ? C K . ? A K 102 ? 1_555 O6 ? A DG 12 ? A DG 12 ? 1_555 95.5  ? 
29 O6 ? A DG 1  ? A DG 1  ? 1_555 K ? D K . ? A K 103 ? 1_555 O6 ? A DG 4  ? A DG 4  ? 1_555 68.0  ? 
30 O6 ? A DG 1  ? A DG 1  ? 1_555 K ? D K . ? A K 103 ? 1_555 O6 ? A DG 7  ? A DG 7  ? 1_555 102.6 ? 
31 O6 ? A DG 4  ? A DG 4  ? 1_555 K ? D K . ? A K 103 ? 1_555 O6 ? A DG 7  ? A DG 7  ? 1_555 65.2  ? 
32 O6 ? A DG 1  ? A DG 1  ? 1_555 K ? D K . ? A K 103 ? 1_555 O6 ? A DG 10 ? A DG 10 ? 1_555 67.1  ? 
33 O6 ? A DG 4  ? A DG 4  ? 1_555 K ? D K . ? A K 103 ? 1_555 O6 ? A DG 10 ? A DG 10 ? 1_555 103.7 ? 
34 O6 ? A DG 7  ? A DG 7  ? 1_555 K ? D K . ? A K 103 ? 1_555 O6 ? A DG 10 ? A DG 10 ? 1_555 68.8  ? 
35 O6 ? A DG 1  ? A DG 1  ? 1_555 K ? D K . ? A K 103 ? 1_555 O6 ? A DG 15 ? A DG 15 ? 1_555 91.0  ? 
36 O6 ? A DG 4  ? A DG 4  ? 1_555 K ? D K . ? A K 103 ? 1_555 O6 ? A DG 15 ? A DG 15 ? 1_555 152.1 ? 
37 O6 ? A DG 7  ? A DG 7  ? 1_555 K ? D K . ? A K 103 ? 1_555 O6 ? A DG 15 ? A DG 15 ? 1_555 140.4 ? 
38 O6 ? A DG 10 ? A DG 10 ? 1_555 K ? D K . ? A K 103 ? 1_555 O6 ? A DG 15 ? A DG 15 ? 1_555 83.4  ? 
39 O6 ? A DG 1  ? A DG 1  ? 1_555 K ? D K . ? A K 103 ? 1_555 O6 ? A DG 18 ? A DG 18 ? 1_555 151.7 ? 
40 O6 ? A DG 4  ? A DG 4  ? 1_555 K ? D K . ? A K 103 ? 1_555 O6 ? A DG 18 ? A DG 18 ? 1_555 138.1 ? 
41 O6 ? A DG 7  ? A DG 7  ? 1_555 K ? D K . ? A K 103 ? 1_555 O6 ? A DG 18 ? A DG 18 ? 1_555 85.5  ? 
42 O6 ? A DG 10 ? A DG 10 ? 1_555 K ? D K . ? A K 103 ? 1_555 O6 ? A DG 18 ? A DG 18 ? 1_555 91.6  ? 
43 O6 ? A DG 15 ? A DG 15 ? 1_555 K ? D K . ? A K 103 ? 1_555 O6 ? A DG 18 ? A DG 18 ? 1_555 67.2  ? 
44 O6 ? A DG 1  ? A DG 1  ? 1_555 K ? D K . ? A K 103 ? 1_555 O6 ? A DG 21 ? A DG 21 ? 1_555 136.8 ? 
45 O6 ? A DG 4  ? A DG 4  ? 1_555 K ? D K . ? A K 103 ? 1_555 O6 ? A DG 21 ? A DG 21 ? 1_555 81.5  ? 
46 O6 ? A DG 7  ? A DG 7  ? 1_555 K ? D K . ? A K 103 ? 1_555 O6 ? A DG 21 ? A DG 21 ? 1_555 90.7  ? 
47 O6 ? A DG 10 ? A DG 10 ? 1_555 K ? D K . ? A K 103 ? 1_555 O6 ? A DG 21 ? A DG 21 ? 1_555 153.3 ? 
48 O6 ? A DG 15 ? A DG 15 ? 1_555 K ? D K . ? A K 103 ? 1_555 O6 ? A DG 21 ? A DG 21 ? 1_555 104.5 ? 
49 O6 ? A DG 18 ? A DG 18 ? 1_555 K ? D K . ? A K 103 ? 1_555 O6 ? A DG 21 ? A DG 21 ? 1_555 69.1  ? 
50 O6 ? A DG 1  ? A DG 1  ? 1_555 K ? D K . ? A K 103 ? 1_555 O6 ? A DG 24 ? A DG 24 ? 1_555 82.7  ? 
51 O6 ? A DG 4  ? A DG 4  ? 1_555 K ? D K . ? A K 103 ? 1_555 O6 ? A DG 24 ? A DG 24 ? 1_555 88.8  ? 
52 O6 ? A DG 7  ? A DG 7  ? 1_555 K ? D K . ? A K 103 ? 1_555 O6 ? A DG 24 ? A DG 24 ? 1_555 148.1 ? 
53 O6 ? A DG 10 ? A DG 10 ? 1_555 K ? D K . ? A K 103 ? 1_555 O6 ? A DG 24 ? A DG 24 ? 1_555 139.1 ? 
54 O6 ? A DG 15 ? A DG 15 ? 1_555 K ? D K . ? A K 103 ? 1_555 O6 ? A DG 24 ? A DG 24 ? 1_555 69.8  ? 
55 O6 ? A DG 18 ? A DG 18 ? 1_555 K ? D K . ? A K 103 ? 1_555 O6 ? A DG 24 ? A DG 24 ? 1_555 104.9 ? 
56 O6 ? A DG 21 ? A DG 21 ? 1_555 K ? D K . ? A K 103 ? 1_555 O6 ? A DG 24 ? A DG 24 ? 1_555 66.2  ? 
57 O6 ? A DG 15 ? A DG 15 ? 1_555 K ? B K . ? A K 101 ? 1_555 O6 ? A DG 17 ? A DG 17 ? 1_555 92.6  ? 
58 O6 ? A DG 15 ? A DG 15 ? 1_555 K ? B K . ? A K 101 ? 1_555 O6 ? A DG 18 ? A DG 18 ? 1_555 67.3  ? 
59 O6 ? A DG 17 ? A DG 17 ? 1_555 K ? B K . ? A K 101 ? 1_555 O6 ? A DG 18 ? A DG 18 ? 1_555 78.0  ? 
60 O6 ? A DG 15 ? A DG 15 ? 1_555 K ? B K . ? A K 101 ? 1_555 O6 ? A DG 20 ? A DG 20 ? 1_555 152.9 ? 
61 O6 ? A DG 17 ? A DG 17 ? 1_555 K ? B K . ? A K 101 ? 1_555 O6 ? A DG 20 ? A DG 20 ? 1_555 68.5  ? 
62 O6 ? A DG 18 ? A DG 18 ? 1_555 K ? B K . ? A K 101 ? 1_555 O6 ? A DG 20 ? A DG 20 ? 1_555 89.3  ? 
63 O6 ? A DG 15 ? A DG 15 ? 1_555 K ? B K . ? A K 101 ? 1_555 O6 ? A DG 21 ? A DG 21 ? 1_555 102.3 ? 
64 O6 ? A DG 17 ? A DG 17 ? 1_555 K ? B K . ? A K 101 ? 1_555 O6 ? A DG 21 ? A DG 21 ? 1_555 130.8 ? 
65 O6 ? A DG 18 ? A DG 18 ? 1_555 K ? B K . ? A K 101 ? 1_555 O6 ? A DG 21 ? A DG 21 ? 1_555 65.8  ? 
66 O6 ? A DG 20 ? A DG 20 ? 1_555 K ? B K . ? A K 101 ? 1_555 O6 ? A DG 21 ? A DG 21 ? 1_555 78.4  ? 
67 O6 ? A DG 15 ? A DG 15 ? 1_555 K ? B K . ? A K 101 ? 1_555 O6 ? A DG 23 ? A DG 23 ? 1_555 133.8 ? 
68 O6 ? A DG 17 ? A DG 17 ? 1_555 K ? B K . ? A K 101 ? 1_555 O6 ? A DG 23 ? A DG 23 ? 1_555 109.5 ? 
69 O6 ? A DG 18 ? A DG 18 ? 1_555 K ? B K . ? A K 101 ? 1_555 O6 ? A DG 23 ? A DG 23 ? 1_555 155.1 ? 
70 O6 ? A DG 20 ? A DG 20 ? 1_555 K ? B K . ? A K 101 ? 1_555 O6 ? A DG 23 ? A DG 23 ? 1_555 72.6  ? 
71 O6 ? A DG 21 ? A DG 21 ? 1_555 K ? B K . ? A K 101 ? 1_555 O6 ? A DG 23 ? A DG 23 ? 1_555 93.3  ? 
72 O6 ? A DG 15 ? A DG 15 ? 1_555 K ? B K . ? A K 101 ? 1_555 O6 ? A DG 24 ? A DG 24 ? 1_555 70.9  ? 
73 O6 ? A DG 17 ? A DG 17 ? 1_555 K ? B K . ? A K 101 ? 1_555 O6 ? A DG 24 ? A DG 24 ? 1_555 161.0 ? 
74 O6 ? A DG 18 ? A DG 18 ? 1_555 K ? B K . ? A K 101 ? 1_555 O6 ? A DG 24 ? A DG 24 ? 1_555 102.9 ? 
75 O6 ? A DG 20 ? A DG 20 ? 1_555 K ? B K . ? A K 101 ? 1_555 O6 ? A DG 24 ? A DG 24 ? 1_555 130.2 ? 
76 O6 ? A DG 21 ? A DG 21 ? 1_555 K ? B K . ? A K 101 ? 1_555 O6 ? A DG 24 ? A DG 24 ? 1_555 64.2  ? 
77 O6 ? A DG 23 ? A DG 23 ? 1_555 K ? B K . ? A K 101 ? 1_555 O6 ? A DG 24 ? A DG 24 ? 1_555 77.8  ? 
78 O6 ? A DG 15 ? A DG 15 ? 1_555 K ? B K . ? A K 101 ? 1_555 O6 ? A DG 26 ? A DG 26 ? 1_555 74.8  ? 
79 O6 ? A DG 17 ? A DG 17 ? 1_555 K ? B K . ? A K 101 ? 1_555 O6 ? A DG 26 ? A DG 26 ? 1_555 73.6  ? 
80 O6 ? A DG 18 ? A DG 18 ? 1_555 K ? B K . ? A K 101 ? 1_555 O6 ? A DG 26 ? A DG 26 ? 1_555 130.9 ? 
81 O6 ? A DG 20 ? A DG 20 ? 1_555 K ? B K . ? A K 101 ? 1_555 O6 ? A DG 26 ? A DG 26 ? 1_555 115.4 ? 
82 O6 ? A DG 21 ? A DG 21 ? 1_555 K ? B K . ? A K 101 ? 1_555 O6 ? A DG 26 ? A DG 26 ? 1_555 155.5 ? 
83 O6 ? A DG 23 ? A DG 23 ? 1_555 K ? B K . ? A K 101 ? 1_555 O6 ? A DG 26 ? A DG 26 ? 1_555 73.4  ? 
84 O6 ? A DG 24 ? A DG 24 ? 1_555 K ? B K . ? A K 101 ? 1_555 O6 ? A DG 26 ? A DG 26 ? 1_555 92.5  ? 
# 
loop_
_struct_site.id 
_struct_site.pdbx_evidence_code 
_struct_site.pdbx_auth_asym_id 
_struct_site.pdbx_auth_comp_id 
_struct_site.pdbx_auth_seq_id 
_struct_site.pdbx_auth_ins_code 
_struct_site.pdbx_num_residues 
_struct_site.details 
AC1 Software A K 101 ? 9  'binding site for residue K A 101' 
AC2 Software A K 102 ? 9  'binding site for residue K A 102' 
AC3 Software A K 103 ? 10 'binding site for residue K A 103' 
# 
loop_
_struct_site_gen.id 
_struct_site_gen.site_id 
_struct_site_gen.pdbx_num_res 
_struct_site_gen.label_comp_id 
_struct_site_gen.label_asym_id 
_struct_site_gen.label_seq_id 
_struct_site_gen.pdbx_auth_ins_code 
_struct_site_gen.auth_comp_id 
_struct_site_gen.auth_asym_id 
_struct_site_gen.auth_seq_id 
_struct_site_gen.label_atom_id 
_struct_site_gen.label_alt_id 
_struct_site_gen.symmetry 
_struct_site_gen.details 
1  AC1 9  DG A 15 ? DG A 15  . ? 1_555 ? 
2  AC1 9  DG A 17 ? DG A 17  . ? 1_555 ? 
3  AC1 9  DG A 18 ? DG A 18  . ? 1_555 ? 
4  AC1 9  DG A 20 ? DG A 20  . ? 1_555 ? 
5  AC1 9  DG A 21 ? DG A 21  . ? 1_555 ? 
6  AC1 9  DG A 23 ? DG A 23  . ? 1_555 ? 
7  AC1 9  DG A 24 ? DG A 24  . ? 1_555 ? 
8  AC1 9  DG A 26 ? DG A 26  . ? 1_555 ? 
9  AC1 9  K  D .  ? K  A 103 . ? 1_555 ? 
10 AC2 9  DG A 1  ? DG A 1   . ? 1_555 ? 
11 AC2 9  DG A 3  ? DG A 3   . ? 1_555 ? 
12 AC2 9  DG A 4  ? DG A 4   . ? 1_555 ? 
13 AC2 9  DG A 6  ? DG A 6   . ? 1_555 ? 
14 AC2 9  DG A 7  ? DG A 7   . ? 1_555 ? 
15 AC2 9  DG A 9  ? DG A 9   . ? 1_555 ? 
16 AC2 9  DG A 10 ? DG A 10  . ? 1_555 ? 
17 AC2 9  DG A 12 ? DG A 12  . ? 1_555 ? 
18 AC2 9  K  D .  ? K  A 103 . ? 1_555 ? 
19 AC3 10 DG A 1  ? DG A 1   . ? 1_555 ? 
20 AC3 10 DG A 4  ? DG A 4   . ? 1_555 ? 
21 AC3 10 DG A 7  ? DG A 7   . ? 1_555 ? 
22 AC3 10 DG A 10 ? DG A 10  . ? 1_555 ? 
23 AC3 10 DG A 15 ? DG A 15  . ? 1_555 ? 
24 AC3 10 DG A 18 ? DG A 18  . ? 1_555 ? 
25 AC3 10 DG A 21 ? DG A 21  . ? 1_555 ? 
26 AC3 10 DG A 24 ? DG A 24  . ? 1_555 ? 
27 AC3 10 K  B .  ? K  A 101 . ? 1_555 ? 
28 AC3 10 K  C .  ? K  A 102 . ? 1_555 ? 
# 
loop_
_chem_comp_atom.comp_id 
_chem_comp_atom.atom_id 
_chem_comp_atom.type_symbol 
_chem_comp_atom.pdbx_aromatic_flag 
_chem_comp_atom.pdbx_stereo_config 
_chem_comp_atom.pdbx_ordinal 
DG  OP3    O N N 1  
DG  P      P N N 2  
DG  OP1    O N N 3  
DG  OP2    O N N 4  
DG  "O5'"  O N N 5  
DG  "C5'"  C N N 6  
DG  "C4'"  C N R 7  
DG  "O4'"  O N N 8  
DG  "C3'"  C N S 9  
DG  "O3'"  O N N 10 
DG  "C2'"  C N N 11 
DG  "C1'"  C N R 12 
DG  N9     N Y N 13 
DG  C8     C Y N 14 
DG  N7     N Y N 15 
DG  C5     C Y N 16 
DG  C6     C N N 17 
DG  O6     O N N 18 
DG  N1     N N N 19 
DG  C2     C N N 20 
DG  N2     N N N 21 
DG  N3     N N N 22 
DG  C4     C Y N 23 
DG  HOP3   H N N 24 
DG  HOP2   H N N 25 
DG  "H5'"  H N N 26 
DG  "H5''" H N N 27 
DG  "H4'"  H N N 28 
DG  "H3'"  H N N 29 
DG  "HO3'" H N N 30 
DG  "H2'"  H N N 31 
DG  "H2''" H N N 32 
DG  "H1'"  H N N 33 
DG  H8     H N N 34 
DG  H1     H N N 35 
DG  H21    H N N 36 
DG  H22    H N N 37 
DT  OP3    O N N 38 
DT  P      P N N 39 
DT  OP1    O N N 40 
DT  OP2    O N N 41 
DT  "O5'"  O N N 42 
DT  "C5'"  C N N 43 
DT  "C4'"  C N R 44 
DT  "O4'"  O N N 45 
DT  "C3'"  C N S 46 
DT  "O3'"  O N N 47 
DT  "C2'"  C N N 48 
DT  "C1'"  C N R 49 
DT  N1     N N N 50 
DT  C2     C N N 51 
DT  O2     O N N 52 
DT  N3     N N N 53 
DT  C4     C N N 54 
DT  O4     O N N 55 
DT  C5     C N N 56 
DT  C7     C N N 57 
DT  C6     C N N 58 
DT  HOP3   H N N 59 
DT  HOP2   H N N 60 
DT  "H5'"  H N N 61 
DT  "H5''" H N N 62 
DT  "H4'"  H N N 63 
DT  "H3'"  H N N 64 
DT  "HO3'" H N N 65 
DT  "H2'"  H N N 66 
DT  "H2''" H N N 67 
DT  "H1'"  H N N 68 
DT  H3     H N N 69 
DT  H71    H N N 70 
DT  H72    H N N 71 
DT  H73    H N N 72 
DT  H6     H N N 73 
HOH O      O N N 74 
HOH H1     H N N 75 
HOH H2     H N N 76 
K   K      K N N 77 
# 
loop_
_chem_comp_bond.comp_id 
_chem_comp_bond.atom_id_1 
_chem_comp_bond.atom_id_2 
_chem_comp_bond.value_order 
_chem_comp_bond.pdbx_aromatic_flag 
_chem_comp_bond.pdbx_stereo_config 
_chem_comp_bond.pdbx_ordinal 
DG  OP3   P      sing N N 1  
DG  OP3   HOP3   sing N N 2  
DG  P     OP1    doub N N 3  
DG  P     OP2    sing N N 4  
DG  P     "O5'"  sing N N 5  
DG  OP2   HOP2   sing N N 6  
DG  "O5'" "C5'"  sing N N 7  
DG  "C5'" "C4'"  sing N N 8  
DG  "C5'" "H5'"  sing N N 9  
DG  "C5'" "H5''" sing N N 10 
DG  "C4'" "O4'"  sing N N 11 
DG  "C4'" "C3'"  sing N N 12 
DG  "C4'" "H4'"  sing N N 13 
DG  "O4'" "C1'"  sing N N 14 
DG  "C3'" "O3'"  sing N N 15 
DG  "C3'" "C2'"  sing N N 16 
DG  "C3'" "H3'"  sing N N 17 
DG  "O3'" "HO3'" sing N N 18 
DG  "C2'" "C1'"  sing N N 19 
DG  "C2'" "H2'"  sing N N 20 
DG  "C2'" "H2''" sing N N 21 
DG  "C1'" N9     sing N N 22 
DG  "C1'" "H1'"  sing N N 23 
DG  N9    C8     sing Y N 24 
DG  N9    C4     sing Y N 25 
DG  C8    N7     doub Y N 26 
DG  C8    H8     sing N N 27 
DG  N7    C5     sing Y N 28 
DG  C5    C6     sing N N 29 
DG  C5    C4     doub Y N 30 
DG  C6    O6     doub N N 31 
DG  C6    N1     sing N N 32 
DG  N1    C2     sing N N 33 
DG  N1    H1     sing N N 34 
DG  C2    N2     sing N N 35 
DG  C2    N3     doub N N 36 
DG  N2    H21    sing N N 37 
DG  N2    H22    sing N N 38 
DG  N3    C4     sing N N 39 
DT  OP3   P      sing N N 40 
DT  OP3   HOP3   sing N N 41 
DT  P     OP1    doub N N 42 
DT  P     OP2    sing N N 43 
DT  P     "O5'"  sing N N 44 
DT  OP2   HOP2   sing N N 45 
DT  "O5'" "C5'"  sing N N 46 
DT  "C5'" "C4'"  sing N N 47 
DT  "C5'" "H5'"  sing N N 48 
DT  "C5'" "H5''" sing N N 49 
DT  "C4'" "O4'"  sing N N 50 
DT  "C4'" "C3'"  sing N N 51 
DT  "C4'" "H4'"  sing N N 52 
DT  "O4'" "C1'"  sing N N 53 
DT  "C3'" "O3'"  sing N N 54 
DT  "C3'" "C2'"  sing N N 55 
DT  "C3'" "H3'"  sing N N 56 
DT  "O3'" "HO3'" sing N N 57 
DT  "C2'" "C1'"  sing N N 58 
DT  "C2'" "H2'"  sing N N 59 
DT  "C2'" "H2''" sing N N 60 
DT  "C1'" N1     sing N N 61 
DT  "C1'" "H1'"  sing N N 62 
DT  N1    C2     sing N N 63 
DT  N1    C6     sing N N 64 
DT  C2    O2     doub N N 65 
DT  C2    N3     sing N N 66 
DT  N3    C4     sing N N 67 
DT  N3    H3     sing N N 68 
DT  C4    O4     doub N N 69 
DT  C4    C5     sing N N 70 
DT  C5    C7     sing N N 71 
DT  C5    C6     doub N N 72 
DT  C7    H71    sing N N 73 
DT  C7    H72    sing N N 74 
DT  C7    H73    sing N N 75 
DT  C6    H6     sing N N 76 
HOH O     H1     sing N N 77 
HOH O     H2     sing N N 78 
# 
loop_
_ndb_struct_conf_na.entry_id 
_ndb_struct_conf_na.feature 
6GZ6 'double helix' 
6GZ6 'triple helix' 
# 
loop_
_ndb_struct_na_base_pair.model_number 
_ndb_struct_na_base_pair.i_label_asym_id 
_ndb_struct_na_base_pair.i_label_comp_id 
_ndb_struct_na_base_pair.i_label_seq_id 
_ndb_struct_na_base_pair.i_symmetry 
_ndb_struct_na_base_pair.j_label_asym_id 
_ndb_struct_na_base_pair.j_label_comp_id 
_ndb_struct_na_base_pair.j_label_seq_id 
_ndb_struct_na_base_pair.j_symmetry 
_ndb_struct_na_base_pair.shear 
_ndb_struct_na_base_pair.stretch 
_ndb_struct_na_base_pair.stagger 
_ndb_struct_na_base_pair.buckle 
_ndb_struct_na_base_pair.propeller 
_ndb_struct_na_base_pair.opening 
_ndb_struct_na_base_pair.pair_number 
_ndb_struct_na_base_pair.pair_name 
_ndb_struct_na_base_pair.i_auth_asym_id 
_ndb_struct_na_base_pair.i_auth_seq_id 
_ndb_struct_na_base_pair.i_PDB_ins_code 
_ndb_struct_na_base_pair.j_auth_asym_id 
_ndb_struct_na_base_pair.j_auth_seq_id 
_ndb_struct_na_base_pair.j_PDB_ins_code 
_ndb_struct_na_base_pair.hbond_type_28 
_ndb_struct_na_base_pair.hbond_type_12 
1 A DG 6  1_555 A DG 9  1_555 1.674  3.260  -0.049 -10.319 5.235  -90.443 1 A_DG6:DG9_A   A 6  ? A 9  ? 6 3 
1 A DG 7  1_555 A DG 10 1_555 1.602  3.439  0.012  -4.815  2.516  -91.703 2 A_DG7:DG10_A  A 7  ? A 10 ? 6 3 
1 A DG 4  1_555 A DG 1  1_555 -1.662 -3.528 0.042  2.581   -1.752 88.160  3 A_DG4:DG1_A   A 4  ? A 1  ? 6 3 
1 A DG 12 1_555 A DG 3  1_555 1.697  3.389  -0.102 -8.199  6.668  -89.740 4 A_DG12:DG3_A  A 12 ? A 3  ? 6 3 
1 A DG 17 1_555 A DG 20 1_555 1.585  3.295  -0.006 -4.732  4.855  -92.478 5 A_DG17:DG20_A A 17 ? A 20 ? 6 3 
1 A DG 18 1_555 A DG 21 1_555 1.536  3.529  -0.006 -0.646  -0.742 -89.533 6 A_DG18:DG21_A A 18 ? A 21 ? 6 3 
1 A DG 15 1_555 A DG 24 1_555 -1.645 -3.637 0.030  4.680   1.168  87.475  7 A_DG15:DG24_A A 15 ? A 24 ? 6 3 
1 A DG 26 1_555 A DG 23 1_555 -1.705 -3.473 -0.332 5.638   9.136  90.968  8 A_DG26:DG23_A A 26 ? A 23 ? 6 3 
# 
loop_
_ndb_struct_na_base_pair_step.model_number 
_ndb_struct_na_base_pair_step.i_label_asym_id_1 
_ndb_struct_na_base_pair_step.i_label_comp_id_1 
_ndb_struct_na_base_pair_step.i_label_seq_id_1 
_ndb_struct_na_base_pair_step.i_symmetry_1 
_ndb_struct_na_base_pair_step.j_label_asym_id_1 
_ndb_struct_na_base_pair_step.j_label_comp_id_1 
_ndb_struct_na_base_pair_step.j_label_seq_id_1 
_ndb_struct_na_base_pair_step.j_symmetry_1 
_ndb_struct_na_base_pair_step.i_label_asym_id_2 
_ndb_struct_na_base_pair_step.i_label_comp_id_2 
_ndb_struct_na_base_pair_step.i_label_seq_id_2 
_ndb_struct_na_base_pair_step.i_symmetry_2 
_ndb_struct_na_base_pair_step.j_label_asym_id_2 
_ndb_struct_na_base_pair_step.j_label_comp_id_2 
_ndb_struct_na_base_pair_step.j_label_seq_id_2 
_ndb_struct_na_base_pair_step.j_symmetry_2 
_ndb_struct_na_base_pair_step.shift 
_ndb_struct_na_base_pair_step.slide 
_ndb_struct_na_base_pair_step.rise 
_ndb_struct_na_base_pair_step.tilt 
_ndb_struct_na_base_pair_step.roll 
_ndb_struct_na_base_pair_step.twist 
_ndb_struct_na_base_pair_step.x_displacement 
_ndb_struct_na_base_pair_step.y_displacement 
_ndb_struct_na_base_pair_step.helical_rise 
_ndb_struct_na_base_pair_step.inclination 
_ndb_struct_na_base_pair_step.tip 
_ndb_struct_na_base_pair_step.helical_twist 
_ndb_struct_na_base_pair_step.step_number 
_ndb_struct_na_base_pair_step.step_name 
_ndb_struct_na_base_pair_step.i_auth_asym_id_1 
_ndb_struct_na_base_pair_step.i_auth_seq_id_1 
_ndb_struct_na_base_pair_step.i_PDB_ins_code_1 
_ndb_struct_na_base_pair_step.j_auth_asym_id_1 
_ndb_struct_na_base_pair_step.j_auth_seq_id_1 
_ndb_struct_na_base_pair_step.j_PDB_ins_code_1 
_ndb_struct_na_base_pair_step.i_auth_asym_id_2 
_ndb_struct_na_base_pair_step.i_auth_seq_id_2 
_ndb_struct_na_base_pair_step.i_PDB_ins_code_2 
_ndb_struct_na_base_pair_step.j_auth_asym_id_2 
_ndb_struct_na_base_pair_step.j_auth_seq_id_2 
_ndb_struct_na_base_pair_step.j_PDB_ins_code_2 
1 A DG 6  1_555 A DG 9  1_555 A DG 7  1_555 A DG 10 1_555 -0.651 -0.707 -3.393 2.012  2.845  24.754   -0.739 0.872  -3.491 6.595  
-4.664 24.994   1 AA_DG6DG7:DG10DG9_AA    A 6  ? A 9  ? A 7  ? A 10 ? 
1 A DG 7  1_555 A DG 10 1_555 A DG 4  1_555 A DG 1  1_555 1.528  3.478  0.066  -4.814 1.158  -179.691 -1.739 0.764  0.066  -0.579 
-2.407 -179.691 2 AA_DG7DG4:DG1DG10_AA    A 7  ? A 10 ? A 4  ? A 1  ? 
1 A DG 4  1_555 A DG 1  1_555 A DG 12 1_555 A DG 3  1_555 0.656  0.865  3.424  -2.626 -1.777 -25.457  -1.413 0.688  3.524  4.012  
-5.929 -25.650  3 AA_DG4DG12:DG3DG1_AA    A 4  ? A 1  ? A 12 ? A 3  ? 
1 A DG 17 1_555 A DG 20 1_555 A DG 18 1_555 A DG 21 1_555 -0.661 -0.871 -3.408 2.130  0.735  24.529   -1.804 0.862  -3.476 1.725  
-5.001 24.631   4 AA_DG17DG18:DG21DG20_AA A 17 ? A 20 ? A 18 ? A 21 ? 
1 A DG 18 1_555 A DG 21 1_555 A DG 15 1_555 A DG 24 1_555 -1.458 -3.550 -0.015 1.690  -0.372 179.444  -1.775 0.729  -0.015 -0.186 
-0.845 179.444  5 AA_DG18DG15:DG24DG21_AA A 18 ? A 21 ? A 15 ? A 24 ? 
1 A DG 15 1_555 A DG 24 1_555 A DG 26 1_555 A DG 23 1_555 0.255  0.741  3.366  -3.534 1.466  -25.275  -2.104 -0.458 3.323  -3.326 
-8.019 -25.558  6 AA_DG15DG26:DG23DG24_AA A 15 ? A 24 ? A 26 ? A 23 ? 
# 
loop_
_pdbx_audit_support.funding_organization 
_pdbx_audit_support.country 
_pdbx_audit_support.grant_number 
_pdbx_audit_support.ordinal 
'Ministry of Education (Singapore)' Singapore MOE2015-T2-1-092 1 
'Ministry of Education (Singapore)' Singapore MOE2012-T3-1-001 2 
# 
_pdbx_initial_refinement_model.id               1 
_pdbx_initial_refinement_model.entity_id_list   ? 
_pdbx_initial_refinement_model.type             'experimental model' 
_pdbx_initial_refinement_model.source_name      PDB 
_pdbx_initial_refinement_model.accession_code   4M5U 
_pdbx_initial_refinement_model.details          ? 
# 
_atom_sites.entry_id                    6GZ6 
_atom_sites.fract_transf_matrix[1][1]   0.02102353 
_atom_sites.fract_transf_matrix[1][2]   0.00619032 
_atom_sites.fract_transf_matrix[1][3]   -0.02575555 
_atom_sites.fract_transf_matrix[2][1]   0.01604903 
_atom_sites.fract_transf_matrix[2][2]   0.01347840 
_atom_sites.fract_transf_matrix[2][3]   0.01633989 
_atom_sites.fract_transf_matrix[3][1]   0.00918969 
_atom_sites.fract_transf_matrix[3][2]   -0.01551538 
_atom_sites.fract_transf_matrix[3][3]   0.00377218 
_atom_sites.fract_transf_vector[1]      -0.465134 
_atom_sites.fract_transf_vector[2]      0.060881 
_atom_sites.fract_transf_vector[3]      0.161693 
# 
loop_
_atom_type.symbol 
C 
K 
N 
O 
P 
# 
loop_
_atom_site.group_PDB 
_atom_site.id 
_atom_site.type_symbol 
_atom_site.label_atom_id 
_atom_site.label_alt_id 
_atom_site.label_comp_id 
_atom_site.label_asym_id 
_atom_site.label_entity_id 
_atom_site.label_seq_id 
_atom_site.pdbx_PDB_ins_code 
_atom_site.Cartn_x 
_atom_site.Cartn_y 
_atom_site.Cartn_z 
_atom_site.occupancy 
_atom_site.B_iso_or_equiv 
_atom_site.pdbx_formal_charge 
_atom_site.auth_seq_id 
_atom_site.auth_comp_id 
_atom_site.auth_asym_id 
_atom_site.auth_atom_id 
_atom_site.pdbx_PDB_model_num 
ATOM   1   O "O5'" . DG  A 1 1  ? 8.299   -5.733  -0.828  1.00 39.14 ? 1   DG  A "O5'" 1 
ATOM   2   C "C5'" . DG  A 1 1  ? 8.581   -4.376  -0.724  1.00 30.74 ? 1   DG  A "C5'" 1 
ATOM   3   C "C4'" . DG  A 1 1  ? 8.381   -3.706  -2.055  1.00 29.65 ? 1   DG  A "C4'" 1 
ATOM   4   O "O4'" . DG  A 1 1  ? 7.010   -3.223  -2.152  1.00 29.44 ? 1   DG  A "O4'" 1 
ATOM   5   C "C3'" . DG  A 1 1  ? 9.250   -2.483  -2.269  1.00 29.99 ? 1   DG  A "C3'" 1 
ATOM   6   O "O3'" . DG  A 1 1  ? 9.468   -2.301  -3.672  1.00 31.89 ? 1   DG  A "O3'" 1 
ATOM   7   C "C2'" . DG  A 1 1  ? 8.380   -1.378  -1.673  1.00 28.24 ? 1   DG  A "C2'" 1 
ATOM   8   C "C1'" . DG  A 1 1  ? 7.005   -1.805  -2.171  1.00 27.13 ? 1   DG  A "C1'" 1 
ATOM   9   N N9    . DG  A 1 1  ? 5.888   -1.331  -1.352  1.00 24.00 ? 1   DG  A N9    1 
ATOM   10  C C8    . DG  A 1 1  ? 5.510   -1.794  -0.120  1.00 23.34 ? 1   DG  A C8    1 
ATOM   11  N N7    . DG  A 1 1  ? 4.475   -1.179  0.369   1.00 22.93 ? 1   DG  A N7    1 
ATOM   12  C C5    . DG  A 1 1  ? 4.132   -0.260  -0.610  1.00 23.81 ? 1   DG  A C5    1 
ATOM   13  C C6    . DG  A 1 1  ? 3.083   0.695   -0.645  1.00 22.77 ? 1   DG  A C6    1 
ATOM   14  O O6    . DG  A 1 1  ? 2.216   0.918   0.214   1.00 24.38 ? 1   DG  A O6    1 
ATOM   15  N N1    . DG  A 1 1  ? 3.107   1.445   -1.815  1.00 21.48 ? 1   DG  A N1    1 
ATOM   16  C C2    . DG  A 1 1  ? 4.019   1.289   -2.825  1.00 23.02 ? 1   DG  A C2    1 
ATOM   17  N N2    . DG  A 1 1  ? 3.884   2.101   -3.881  1.00 22.91 ? 1   DG  A N2    1 
ATOM   18  N N3    . DG  A 1 1  ? 4.998   0.399   -2.808  1.00 23.47 ? 1   DG  A N3    1 
ATOM   19  C C4    . DG  A 1 1  ? 4.993   -0.339  -1.673  1.00 23.50 ? 1   DG  A C4    1 
ATOM   20  P P     . DT  A 1 2  ? 10.711  -1.424  -4.197  1.00 34.11 ? 2   DT  A P     1 
ATOM   21  O OP1   . DT  A 1 2  ? 10.805  -1.678  -5.654  1.00 34.97 ? 2   DT  A OP1   1 
ATOM   22  O OP2   . DT  A 1 2  ? 11.864  -1.617  -3.288  1.00 33.37 ? 2   DT  A OP2   1 
ATOM   23  O "O5'" . DT  A 1 2  ? 10.239  0.078   -3.971  1.00 32.08 ? 2   DT  A "O5'" 1 
ATOM   24  C "C5'" . DT  A 1 2  ? 9.186   0.608   -4.754  1.00 32.22 ? 2   DT  A "C5'" 1 
ATOM   25  C "C4'" . DT  A 1 2  ? 9.072   2.103   -4.540  1.00 32.25 ? 2   DT  A "C4'" 1 
ATOM   26  O "O4'" . DT  A 1 2  ? 8.778   2.367   -3.151  1.00 33.57 ? 2   DT  A "O4'" 1 
ATOM   27  C "C3'" . DT  A 1 2  ? 10.332  2.910   -4.851  1.00 34.56 ? 2   DT  A "C3'" 1 
ATOM   28  O "O3'" . DT  A 1 2  ? 9.960   4.178   -5.380  1.00 31.57 ? 2   DT  A "O3'" 1 
ATOM   29  C "C2'" . DT  A 1 2  ? 10.993  3.044   -3.479  1.00 32.21 ? 2   DT  A "C2'" 1 
ATOM   30  C "C1'" . DT  A 1 2  ? 9.780   3.195   -2.590  1.00 29.33 ? 2   DT  A "C1'" 1 
ATOM   31  N N1    . DT  A 1 2  ? 9.982   2.752   -1.190  1.00 28.28 ? 2   DT  A N1    1 
ATOM   32  C C2    . DT  A 1 2  ? 9.485   3.536   -0.176  1.00 31.24 ? 2   DT  A C2    1 
ATOM   33  O O2    . DT  A 1 2  ? 8.918   4.605   -0.370  1.00 34.03 ? 2   DT  A O2    1 
ATOM   34  N N3    . DT  A 1 2  ? 9.686   3.042   1.080   1.00 29.71 ? 2   DT  A N3    1 
ATOM   35  C C4    . DT  A 1 2  ? 10.303  1.862   1.419   1.00 26.95 ? 2   DT  A C4    1 
ATOM   36  O O4    . DT  A 1 2  ? 10.418  1.504   2.574   1.00 30.07 ? 2   DT  A O4    1 
ATOM   37  C C5    . DT  A 1 2  ? 10.797  1.079   0.321   1.00 28.40 ? 2   DT  A C5    1 
ATOM   38  C C7    . DT  A 1 2  ? 11.490  -0.226  0.591   1.00 30.28 ? 2   DT  A C7    1 
ATOM   39  C C6    . DT  A 1 2  ? 10.606  1.548   -0.930  1.00 27.58 ? 2   DT  A C6    1 
ATOM   40  P P     . DG  A 1 3  ? 9.223   4.254   -6.810  1.00 40.69 ? 3   DG  A P     1 
ATOM   41  O OP1   . DG  A 1 3  ? 9.563   3.050   -7.610  1.00 36.80 ? 3   DG  A OP1   1 
ATOM   42  O OP2   . DG  A 1 3  ? 9.465   5.613   -7.346  1.00 40.88 ? 3   DG  A OP2   1 
ATOM   43  O "O5'" . DG  A 1 3  ? 7.664   4.147   -6.467  1.00 36.58 ? 3   DG  A "O5'" 1 
ATOM   44  C "C5'" . DG  A 1 3  ? 6.715   4.087   -7.528  1.00 32.96 ? 3   DG  A "C5'" 1 
ATOM   45  C "C4'" . DG  A 1 3  ? 5.778   5.280   -7.492  1.00 34.66 ? 3   DG  A "C4'" 1 
ATOM   46  O "O4'" . DG  A 1 3  ? 4.948   5.207   -6.302  1.00 33.95 ? 3   DG  A "O4'" 1 
ATOM   47  C "C3'" . DG  A 1 3  ? 6.452   6.641   -7.420  1.00 33.35 ? 3   DG  A "C3'" 1 
ATOM   48  O "O3'" . DG  A 1 3  ? 5.603   7.662   -8.013  1.00 34.31 ? 3   DG  A "O3'" 1 
ATOM   49  C "C2'" . DG  A 1 3  ? 6.569   6.842   -5.906  1.00 32.00 ? 3   DG  A "C2'" 1 
ATOM   50  C "C1'" . DG  A 1 3  ? 5.214   6.315   -5.462  1.00 31.50 ? 3   DG  A "C1'" 1 
ATOM   51  N N9    . DG  A 1 3  ? 5.152   5.819   -4.101  1.00 28.00 ? 3   DG  A N9    1 
ATOM   52  C C8    . DG  A 1 3  ? 5.970   4.886   -3.527  1.00 28.06 ? 3   DG  A C8    1 
ATOM   53  N N7    . DG  A 1 3  ? 5.641   4.594   -2.301  1.00 26.77 ? 3   DG  A N7    1 
ATOM   54  C C5    . DG  A 1 3  ? 4.509   5.356   -2.063  1.00 22.32 ? 3   DG  A C5    1 
ATOM   55  C C6    . DG  A 1 3  ? 3.707   5.446   -0.910  1.00 22.93 ? 3   DG  A C6    1 
ATOM   56  O O6    . DG  A 1 3  ? 3.840   4.851   0.166   1.00 26.75 ? 3   DG  A O6    1 
ATOM   57  N N1    . DG  A 1 3  ? 2.661   6.332   -1.079  1.00 22.34 ? 3   DG  A N1    1 
ATOM   58  C C2    . DG  A 1 3  ? 2.418   7.045   -2.226  1.00 25.99 ? 3   DG  A C2    1 
ATOM   59  N N2    . DG  A 1 3  ? 1.353   7.856   -2.202  1.00 28.27 ? 3   DG  A N2    1 
ATOM   60  N N3    . DG  A 1 3  ? 3.162   6.971   -3.323  1.00 26.08 ? 3   DG  A N3    1 
ATOM   61  C C4    . DG  A 1 3  ? 4.188   6.104   -3.166  1.00 26.93 ? 3   DG  A C4    1 
ATOM   62  P P     . DG  A 1 4  ? 4.748   7.413   -9.362  1.00 39.55 ? 4   DG  A P     1 
ATOM   63  O OP1   . DG  A 1 4  ? 5.449   6.515   -10.308 1.00 33.43 ? 4   DG  A OP1   1 
ATOM   64  O OP2   . DG  A 1 4  ? 4.392   8.768   -9.835  1.00 39.37 ? 4   DG  A OP2   1 
ATOM   65  O "O5'" . DG  A 1 4  ? 3.397   6.720   -8.832  1.00 35.30 ? 4   DG  A "O5'" 1 
ATOM   66  C "C5'" . DG  A 1 4  ? 2.222   6.725   -9.628  1.00 33.17 ? 4   DG  A "C5'" 1 
ATOM   67  C "C4'" . DG  A 1 4  ? 1.007   7.064   -8.782  1.00 35.30 ? 4   DG  A "C4'" 1 
ATOM   68  O "O4'" . DG  A 1 4  ? 0.796   6.024   -7.786  1.00 31.61 ? 4   DG  A "O4'" 1 
ATOM   69  C "C3'" . DG  A 1 4  ? 1.105   8.379   -7.992  1.00 33.72 ? 4   DG  A "C3'" 1 
ATOM   70  O "O3'" . DG  A 1 4  ? -0.126  9.083   -8.097  1.00 39.61 ? 4   DG  A "O3'" 1 
ATOM   71  C "C2'" . DG  A 1 4  ? 1.342   7.899   -6.560  1.00 31.50 ? 4   DG  A "C2'" 1 
ATOM   72  C "C1'" . DG  A 1 4  ? 0.506   6.636   -6.557  1.00 26.74 ? 4   DG  A "C1'" 1 
ATOM   73  N N9    . DG  A 1 4  ? 0.834   5.718   -5.490  1.00 25.01 ? 4   DG  A N9    1 
ATOM   74  C C8    . DG  A 1 4  ? 1.902   4.847   -5.443  1.00 27.87 ? 4   DG  A C8    1 
ATOM   75  N N7    . DG  A 1 4  ? 1.949   4.139   -4.343  1.00 25.06 ? 4   DG  A N7    1 
ATOM   76  C C5    . DG  A 1 4  ? 0.846   4.575   -3.616  1.00 24.88 ? 4   DG  A C5    1 
ATOM   77  C C6    . DG  A 1 4  ? 0.378   4.172   -2.346  1.00 24.44 ? 4   DG  A C6    1 
ATOM   78  O O6    . DG  A 1 4  ? 0.866   3.327   -1.576  1.00 24.64 ? 4   DG  A O6    1 
ATOM   79  N N1    . DG  A 1 4  ? -0.776  4.862   -1.980  1.00 24.10 ? 4   DG  A N1    1 
ATOM   80  C C2    . DG  A 1 4  ? -1.401  5.813   -2.746  1.00 24.50 ? 4   DG  A C2    1 
ATOM   81  N N2    . DG  A 1 4  ? -2.503  6.364   -2.219  1.00 21.38 ? 4   DG  A N2    1 
ATOM   82  N N3    . DG  A 1 4  ? -0.976  6.198   -3.939  1.00 23.72 ? 4   DG  A N3    1 
ATOM   83  C C4    . DG  A 1 4  ? 0.152   5.545   -4.309  1.00 24.54 ? 4   DG  A C4    1 
ATOM   84  P P     . DT  A 1 5  ? -0.190  10.681  -7.880  1.00 38.22 ? 5   DT  A P     1 
ATOM   85  O OP1   . DT  A 1 5  ? -1.523  11.068  -8.415  1.00 36.64 ? 5   DT  A OP1   1 
ATOM   86  O OP2   . DT  A 1 5  ? 1.071   11.281  -8.381  1.00 35.82 ? 5   DT  A OP2   1 
ATOM   87  O "O5'" . DT  A 1 5  ? -0.177  10.868  -6.293  1.00 31.30 ? 5   DT  A "O5'" 1 
ATOM   88  C "C5'" . DT  A 1 5  ? -1.255  10.369  -5.530  1.00 31.36 ? 5   DT  A "C5'" 1 
ATOM   89  C "C4'" . DT  A 1 5  ? -1.170  10.868  -4.108  1.00 34.24 ? 5   DT  A "C4'" 1 
ATOM   90  O "O4'" . DT  A 1 5  ? 0.023   10.332  -3.484  1.00 34.21 ? 5   DT  A "O4'" 1 
ATOM   91  C "C3'" . DT  A 1 5  ? -1.079  12.387  -3.954  1.00 33.78 ? 5   DT  A "C3'" 1 
ATOM   92  O "O3'" . DT  A 1 5  ? -1.811  12.809  -2.793  1.00 35.88 ? 5   DT  A "O3'" 1 
ATOM   93  C "C2'" . DT  A 1 5  ? 0.424   12.628  -3.789  1.00 30.25 ? 5   DT  A "C2'" 1 
ATOM   94  C "C1'" . DT  A 1 5  ? 0.856   11.381  -3.034  1.00 31.34 ? 5   DT  A "C1'" 1 
ATOM   95  N N1    . DT  A 1 5  ? 2.236   10.973  -3.309  1.00 29.39 ? 5   DT  A N1    1 
ATOM   96  C C2    . DT  A 1 5  ? 3.069   10.682  -2.259  1.00 29.07 ? 5   DT  A C2    1 
ATOM   97  O O2    . DT  A 1 5  ? 2.729   10.781  -1.087  1.00 31.22 ? 5   DT  A O2    1 
ATOM   98  N N3    . DT  A 1 5  ? 4.323   10.286  -2.623  1.00 27.13 ? 5   DT  A N3    1 
ATOM   99  C C4    . DT  A 1 5  ? 4.813   10.149  -3.910  1.00 29.49 ? 5   DT  A C4    1 
ATOM   100 O O4    . DT  A 1 5  ? 5.962   9.784   -4.141  1.00 33.42 ? 5   DT  A O4    1 
ATOM   101 C C5    . DT  A 1 5  ? 3.886   10.457  -4.962  1.00 30.50 ? 5   DT  A C5    1 
ATOM   102 C C7    . DT  A 1 5  ? 4.308   10.327  -6.400  1.00 32.78 ? 5   DT  A C7    1 
ATOM   103 C C6    . DT  A 1 5  ? 2.649   10.842  -4.617  1.00 30.22 ? 5   DT  A C6    1 
ATOM   104 P P     . DG  A 1 6  ? -3.420  12.741  -2.773  1.00 38.54 ? 6   DG  A P     1 
ATOM   105 O OP1   . DG  A 1 6  ? -3.887  12.952  -4.164  1.00 37.16 ? 6   DG  A OP1   1 
ATOM   106 O OP2   . DG  A 1 6  ? -3.858  13.601  -1.651  1.00 37.42 ? 6   DG  A OP2   1 
ATOM   107 O "O5'" . DG  A 1 6  ? -3.752  11.225  -2.352  1.00 40.31 ? 6   DG  A "O5'" 1 
ATOM   108 C "C5'" . DG  A 1 6  ? -5.100  10.797  -2.191  1.00 34.77 ? 6   DG  A "C5'" 1 
ATOM   109 C "C4'" . DG  A 1 6  ? -5.404  10.434  -0.739  1.00 32.21 ? 6   DG  A "C4'" 1 
ATOM   110 O "O4'" . DG  A 1 6  ? -4.550  9.346   -0.283  1.00 31.29 ? 6   DG  A "O4'" 1 
ATOM   111 C "C3'" . DG  A 1 6  ? -5.215  11.547  0.278   1.00 34.39 ? 6   DG  A "C3'" 1 
ATOM   112 O "O3'" . DG  A 1 6  ? -6.164  11.389  1.355   1.00 35.56 ? 6   DG  A "O3'" 1 
ATOM   113 C "C2'" . DG  A 1 6  ? -3.775  11.296  0.762   1.00 33.93 ? 6   DG  A "C2'" 1 
ATOM   114 C "C1'" . DG  A 1 6  ? -3.783  9.770   0.835   1.00 30.61 ? 6   DG  A "C1'" 1 
ATOM   115 N N9    . DG  A 1 6  ? -2.484  9.110   0.716   1.00 28.17 ? 6   DG  A N9    1 
ATOM   116 C C8    . DG  A 1 6  ? -1.589  9.231   -0.318  1.00 28.24 ? 6   DG  A C8    1 
ATOM   117 N N7    . DG  A 1 6  ? -0.538  8.457   -0.186  1.00 26.77 ? 6   DG  A N7    1 
ATOM   118 C C5    . DG  A 1 6  ? -0.769  7.760   0.992   1.00 23.32 ? 6   DG  A C5    1 
ATOM   119 C C6    . DG  A 1 6  ? 0.007   6.772   1.622   1.00 24.93 ? 6   DG  A C6    1 
ATOM   120 O O6    . DG  A 1 6  ? 1.099   6.303   1.253   1.00 27.33 ? 6   DG  A O6    1 
ATOM   121 N N1    . DG  A 1 6  ? -0.582  6.317   2.799   1.00 23.32 ? 6   DG  A N1    1 
ATOM   122 C C2    . DG  A 1 6  ? -1.776  6.752   3.292   1.00 25.08 ? 6   DG  A C2    1 
ATOM   123 N N2    . DG  A 1 6  ? -2.185  6.187   4.438   1.00 24.18 ? 6   DG  A N2    1 
ATOM   124 N N3    . DG  A 1 6  ? -2.526  7.677   2.705   1.00 27.15 ? 6   DG  A N3    1 
ATOM   125 C C4    . DG  A 1 6  ? -1.961  8.135   1.557   1.00 26.42 ? 6   DG  A C4    1 
ATOM   126 P P     . DG  A 1 7  ? -7.685  10.910  1.096   1.00 40.14 ? 7   DG  A P     1 
ATOM   127 O OP1   . DG  A 1 7  ? -8.193  11.436  -0.185  1.00 42.21 ? 7   DG  A OP1   1 
ATOM   128 O OP2   . DG  A 1 7  ? -8.437  11.238  2.328   1.00 36.16 ? 7   DG  A OP2   1 
ATOM   129 O "O5'" . DG  A 1 7  ? -7.571  9.307   0.992   1.00 36.36 ? 7   DG  A "O5'" 1 
ATOM   130 C "C5'" . DG  A 1 7  ? -8.710  8.489   1.159   1.00 30.07 ? 7   DG  A "C5'" 1 
ATOM   131 C "C4'" . DG  A 1 7  ? -8.415  7.370   2.142   1.00 31.74 ? 7   DG  A "C4'" 1 
ATOM   132 O "O4'" . DG  A 1 7  ? -7.439  6.452   1.573   1.00 33.84 ? 7   DG  A "O4'" 1 
ATOM   133 C "C3'" . DG  A 1 7  ? -7.839  7.800   3.492   1.00 29.98 ? 7   DG  A "C3'" 1 
ATOM   134 O "O3'" . DG  A 1 7  ? -8.478  7.039   4.521   1.00 30.11 ? 7   DG  A "O3'" 1 
ATOM   135 C "C2'" . DG  A 1 7  ? -6.348  7.447   3.360   1.00 28.82 ? 7   DG  A "C2'" 1 
ATOM   136 C "C1'" . DG  A 1 7  ? -6.443  6.176   2.533   1.00 28.05 ? 7   DG  A "C1'" 1 
ATOM   137 N N9    . DG  A 1 7  ? -5.210  5.776   1.827   1.00 25.16 ? 7   DG  A N9    1 
ATOM   138 C C8    . DG  A 1 7  ? -4.736  6.271   0.629   1.00 25.59 ? 7   DG  A C8    1 
ATOM   139 N N7    . DG  A 1 7  ? -3.631  5.703   0.227   1.00 22.51 ? 7   DG  A N7    1 
ATOM   140 C C5    . DG  A 1 7  ? -3.363  4.758   1.210   1.00 24.04 ? 7   DG  A C5    1 
ATOM   141 C C6    . DG  A 1 7  ? -2.291  3.840   1.328   1.00 21.84 ? 7   DG  A C6    1 
ATOM   142 O O6    . DG  A 1 7  ? -1.338  3.668   0.557   1.00 22.34 ? 7   DG  A O6    1 
ATOM   143 N N1    . DG  A 1 7  ? -2.396  3.070   2.480   1.00 21.75 ? 7   DG  A N1    1 
ATOM   144 C C2    . DG  A 1 7  ? -3.415  3.168   3.402   1.00 23.90 ? 7   DG  A C2    1 
ATOM   145 N N2    . DG  A 1 7  ? -3.360  2.331   4.447   1.00 23.30 ? 7   DG  A N2    1 
ATOM   146 N N3    . DG  A 1 7  ? -4.421  4.022   3.306   1.00 24.26 ? 7   DG  A N3    1 
ATOM   147 C C4    . DG  A 1 7  ? -4.332  4.787   2.194   1.00 23.48 ? 7   DG  A C4    1 
ATOM   148 P P     . DT  A 1 8  ? -8.427  7.523   6.051   1.00 35.58 ? 8   DT  A P     1 
ATOM   149 O OP1   . DT  A 1 8  ? -9.367  6.696   6.856   1.00 28.38 ? 8   DT  A OP1   1 
ATOM   150 O OP2   . DT  A 1 8  ? -8.468  9.002   6.030   1.00 33.81 ? 8   DT  A OP2   1 
ATOM   151 O "O5'" . DT  A 1 8  ? -6.961  7.122   6.523   1.00 35.61 ? 8   DT  A "O5'" 1 
ATOM   152 C "C5'" . DT  A 1 8  ? -6.637  5.762   6.713   1.00 32.45 ? 8   DT  A "C5'" 1 
ATOM   153 C "C4'" . DT  A 1 8  ? -5.382  5.653   7.541   1.00 33.16 ? 8   DT  A "C4'" 1 
ATOM   154 O "O4'" . DT  A 1 8  ? -4.310  6.353   6.861   1.00 32.53 ? 8   DT  A "O4'" 1 
ATOM   155 C "C3'" . DT  A 1 8  ? -5.478  6.282   8.921   1.00 32.62 ? 8   DT  A "C3'" 1 
ATOM   156 O "O3'" . DT  A 1 8  ? -4.711  5.543   9.827   1.00 31.32 ? 8   DT  A "O3'" 1 
ATOM   157 C "C2'" . DT  A 1 8  ? -4.881  7.669   8.703   1.00 35.01 ? 8   DT  A "C2'" 1 
ATOM   158 C "C1'" . DT  A 1 8  ? -3.790  7.366   7.696   1.00 32.38 ? 8   DT  A "C1'" 1 
ATOM   159 N N1    . DT  A 1 8  ? -3.437  8.515   6.823   1.00 33.36 ? 8   DT  A N1    1 
ATOM   160 C C2    . DT  A 1 8  ? -2.125  8.892   6.723   1.00 32.81 ? 8   DT  A C2    1 
ATOM   161 O O2    . DT  A 1 8  ? -1.241  8.349   7.345   1.00 36.92 ? 8   DT  A O2    1 
ATOM   162 N N3    . DT  A 1 8  ? -1.884  9.940   5.876   1.00 31.68 ? 8   DT  A N3    1 
ATOM   163 C C4    . DT  A 1 8  ? -2.816  10.632  5.130   1.00 34.27 ? 8   DT  A C4    1 
ATOM   164 O O4    . DT  A 1 8  ? -2.508  11.568  4.402   1.00 40.64 ? 8   DT  A O4    1 
ATOM   165 C C5    . DT  A 1 8  ? -4.183  10.190  5.277   1.00 32.05 ? 8   DT  A C5    1 
ATOM   166 C C7    . DT  A 1 8  ? -5.282  10.876  4.518   1.00 33.21 ? 8   DT  A C7    1 
ATOM   167 C C6    . DT  A 1 8  ? -4.426  9.153   6.100   1.00 31.64 ? 8   DT  A C6    1 
ATOM   168 P P     . DG  A 1 9  ? -5.182  4.073   10.260  1.00 38.20 ? 9   DG  A P     1 
ATOM   169 O OP1   . DG  A 1 9  ? -6.637  3.924   10.036  1.00 37.24 ? 9   DG  A OP1   1 
ATOM   170 O OP2   . DG  A 1 9  ? -4.579  3.857   11.603  1.00 40.90 ? 9   DG  A OP2   1 
ATOM   171 O "O5'" . DG  A 1 9  ? -4.456  3.118   9.195   1.00 35.54 ? 9   DG  A "O5'" 1 
ATOM   172 C "C5'" . DG  A 1 9  ? -4.691  1.737   9.197   1.00 30.36 ? 9   DG  A "C5'" 1 
ATOM   173 C "C4'" . DG  A 1 9  ? -3.396  0.976   9.427   1.00 31.28 ? 9   DG  A "C4'" 1 
ATOM   174 O "O4'" . DG  A 1 9  ? -2.506  1.145   8.299   1.00 28.80 ? 9   DG  A "O4'" 1 
ATOM   175 C "C3'" . DG  A 1 9  ? -2.595  1.403   10.646  1.00 31.90 ? 9   DG  A "C3'" 1 
ATOM   176 O "O3'" . DG  A 1 9  ? -1.923  0.263   11.210  1.00 29.38 ? 9   DG  A "O3'" 1 
ATOM   177 C "C2'" . DG  A 1 9  ? -1.600  2.415   10.049  1.00 30.51 ? 9   DG  A "C2'" 1 
ATOM   178 C "C1'" . DG  A 1 9  ? -1.291  1.747   8.716   1.00 29.63 ? 9   DG  A "C1'" 1 
ATOM   179 N N9    . DG  A 1 9  ? -0.894  2.637   7.634   1.00 26.83 ? 9   DG  A N9    1 
ATOM   180 C C8    . DG  A 1 9  ? -1.563  3.745   7.201   1.00 28.02 ? 9   DG  A C8    1 
ATOM   181 N N7    . DG  A 1 9  ? -1.026  4.300   6.151   1.00 28.45 ? 9   DG  A N7    1 
ATOM   182 C C5    . DG  A 1 9  ? 0.053   3.489   5.852   1.00 24.15 ? 9   DG  A C5    1 
ATOM   183 C C6    . DG  A 1 9  ? 0.996   3.596   4.815   1.00 25.13 ? 9   DG  A C6    1 
ATOM   184 O O6    . DG  A 1 9  ? 1.060   4.467   3.936   1.00 27.35 ? 9   DG  A O6    1 
ATOM   185 N N1    . DG  A 1 9  ? 1.940   2.559   4.856   1.00 23.85 ? 9   DG  A N1    1 
ATOM   186 C C2    . DG  A 1 9  ? 1.952   1.556   5.793   1.00 25.05 ? 9   DG  A C2    1 
ATOM   187 N N2    . DG  A 1 9  ? 2.922   0.641   5.676   1.00 24.39 ? 9   DG  A N2    1 
ATOM   188 N N3    . DG  A 1 9  ? 1.060   1.450   6.777   1.00 26.82 ? 9   DG  A N3    1 
ATOM   189 C C4    . DG  A 1 9  ? 0.145   2.452   6.744   1.00 26.37 ? 9   DG  A C4    1 
ATOM   190 P P     . DG  A 1 10 ? -2.616  -1.191  11.247  1.00 35.43 ? 10  DG  A P     1 
ATOM   191 O OP1   . DG  A 1 10 ? -4.091  -1.094  11.393  1.00 36.24 ? 10  DG  A OP1   1 
ATOM   192 O OP2   . DG  A 1 10 ? -1.854  -1.962  12.234  1.00 31.26 ? 10  DG  A OP2   1 
ATOM   193 O "O5'" . DG  A 1 10 ? -2.263  -1.826  9.813   1.00 33.88 ? 10  DG  A "O5'" 1 
ATOM   194 C "C5'" . DG  A 1 10 ? -2.274  -3.234  9.633   1.00 32.23 ? 10  DG  A "C5'" 1 
ATOM   195 C "C4'" . DG  A 1 10 ? -1.131  -3.668  8.731   1.00 29.51 ? 10  DG  A "C4'" 1 
ATOM   196 O "O4'" . DG  A 1 10 ? -1.298  -3.097  7.402   1.00 29.49 ? 10  DG  A "O4'" 1 
ATOM   197 C "C3'" . DG  A 1 10 ? 0.259   -3.232  9.194   1.00 25.74 ? 10  DG  A "C3'" 1 
ATOM   198 O "O3'" . DG  A 1 10 ? 1.155   -4.277  8.972   1.00 26.13 ? 10  DG  A "O3'" 1 
ATOM   199 C "C2'" . DG  A 1 10 ? 0.566   -2.058  8.279   1.00 26.16 ? 10  DG  A "C2'" 1 
ATOM   200 C "C1'" . DG  A 1 10 ? -0.069  -2.539  6.995   1.00 26.66 ? 10  DG  A "C1'" 1 
ATOM   201 N N9    . DG  A 1 10 ? -0.328  -1.483  6.018   1.00 23.82 ? 10  DG  A N9    1 
ATOM   202 C C8    . DG  A 1 10 ? -1.323  -0.544  6.062   1.00 25.06 ? 10  DG  A C8    1 
ATOM   203 N N7    . DG  A 1 10 ? -1.304  0.282   5.059   1.00 22.43 ? 10  DG  A N7    1 
ATOM   204 C C5    . DG  A 1 10 ? -0.235  -0.148  4.289   1.00 23.52 ? 10  DG  A C5    1 
ATOM   205 C C6    . DG  A 1 10 ? 0.276   0.362   3.062   1.00 23.81 ? 10  DG  A C6    1 
ATOM   206 O O6    . DG  A 1 10 ? -0.139  1.318   2.393   1.00 24.12 ? 10  DG  A O6    1 
ATOM   207 N N1    . DG  A 1 10 ? 1.377   -0.369  2.621   1.00 22.38 ? 10  DG  A N1    1 
ATOM   208 C C2    . DG  A 1 10 ? 1.920   -1.437  3.288   1.00 23.56 ? 10  DG  A C2    1 
ATOM   209 N N2    . DG  A 1 10 ? 2.991   -2.011  2.717   1.00 23.48 ? 10  DG  A N2    1 
ATOM   210 N N3    . DG  A 1 10 ? 1.455   -1.912  4.440   1.00 23.28 ? 10  DG  A N3    1 
ATOM   211 C C4    . DG  A 1 10 ? 0.378   -1.228  4.871   1.00 22.75 ? 10  DG  A C4    1 
ATOM   212 P P     . DT  A 1 11 ? 2.412   -4.473  9.946   1.00 32.60 ? 11  DT  A P     1 
ATOM   213 O OP1   . DT  A 1 11 ? 2.831   -5.886  9.875   1.00 32.85 ? 11  DT  A OP1   1 
ATOM   214 O OP2   . DT  A 1 11 ? 2.066   -3.889  11.260  1.00 34.88 ? 11  DT  A OP2   1 
ATOM   215 O "O5'" . DT  A 1 11 ? 3.522   -3.538  9.291   1.00 30.22 ? 11  DT  A "O5'" 1 
ATOM   216 C "C5'" . DT  A 1 11 ? 3.842   -3.673  7.911   1.00 29.35 ? 11  DT  A "C5'" 1 
ATOM   217 C "C4'" . DT  A 1 11 ? 4.839   -2.612  7.495   1.00 28.06 ? 11  DT  A "C4'" 1 
ATOM   218 O "O4'" . DT  A 1 11 ? 4.212   -1.310  7.600   1.00 29.31 ? 11  DT  A "O4'" 1 
ATOM   219 C "C3'" . DT  A 1 11 ? 6.100   -2.552  8.347   1.00 31.23 ? 11  DT  A "C3'" 1 
ATOM   220 O "O3'" . DT  A 1 11 ? 7.240   -2.382  7.515   1.00 32.25 ? 11  DT  A "O3'" 1 
ATOM   221 C "C2'" . DT  A 1 11 ? 5.872   -1.331  9.254   1.00 29.59 ? 11  DT  A "C2'" 1 
ATOM   222 C "C1'" . DT  A 1 11 ? 4.978   -0.444  8.394   1.00 27.43 ? 11  DT  A "C1'" 1 
ATOM   223 N N1    . DT  A 1 11 ? 4.043   0.390   9.187   1.00 25.03 ? 11  DT  A N1    1 
ATOM   224 C C2    . DT  A 1 11 ? 4.045   1.758   9.010   1.00 31.29 ? 11  DT  A C2    1 
ATOM   225 O O2    . DT  A 1 11 ? 4.783   2.329   8.223   1.00 31.53 ? 11  DT  A O2    1 
ATOM   226 N N3    . DT  A 1 11 ? 3.151   2.442   9.797   1.00 29.07 ? 11  DT  A N3    1 
ATOM   227 C C4    . DT  A 1 11 ? 2.274   1.898   10.720  1.00 30.68 ? 11  DT  A C4    1 
ATOM   228 O O4    . DT  A 1 11 ? 1.513   2.586   11.386  1.00 34.52 ? 11  DT  A O4    1 
ATOM   229 C C5    . DT  A 1 11 ? 2.318   0.461   10.847  1.00 27.67 ? 11  DT  A C5    1 
ATOM   230 C C7    . DT  A 1 11 ? 1.411   -0.229  11.818  1.00 24.93 ? 11  DT  A C7    1 
ATOM   231 C C6    . DT  A 1 11 ? 3.195   -0.216  10.087  1.00 25.99 ? 11  DT  A C6    1 
ATOM   232 P P     . DG  A 1 12 ? 7.837   -3.620  6.690   1.00 32.05 ? 12  DG  A P     1 
ATOM   233 O OP1   . DG  A 1 12 ? 7.349   -4.869  7.320   1.00 32.38 ? 12  DG  A OP1   1 
ATOM   234 O OP2   . DG  A 1 12 ? 9.283   -3.374  6.522   1.00 29.92 ? 12  DG  A OP2   1 
ATOM   235 O "O5'" . DG  A 1 12 ? 7.146   -3.464  5.254   1.00 33.22 ? 12  DG  A "O5'" 1 
ATOM   236 C "C5'" . DG  A 1 12 ? 7.367   -4.441  4.229   1.00 30.61 ? 12  DG  A "C5'" 1 
ATOM   237 C "C4'" . DG  A 1 12 ? 8.082   -3.834  3.026   1.00 29.64 ? 12  DG  A "C4'" 1 
ATOM   238 O "O4'" . DG  A 1 12 ? 7.291   -2.760  2.418   1.00 26.21 ? 12  DG  A "O4'" 1 
ATOM   239 C "C3'" . DG  A 1 12 ? 9.424   -3.201  3.311   1.00 30.94 ? 12  DG  A "C3'" 1 
ATOM   240 O "O3'" . DG  A 1 12 ? 10.175  -3.265  2.118   1.00 35.13 ? 12  DG  A "O3'" 1 
ATOM   241 C "C2'" . DG  A 1 12 ? 9.028   -1.750  3.637   1.00 25.60 ? 12  DG  A "C2'" 1 
ATOM   242 C "C1'" . DG  A 1 12 ? 7.955   -1.514  2.579   1.00 26.90 ? 12  DG  A "C1'" 1 
ATOM   243 N N9    . DG  A 1 12 ? 6.924   -0.537  2.926   1.00 27.56 ? 12  DG  A N9    1 
ATOM   244 C C8    . DG  A 1 12 ? 6.137   -0.535  4.046   1.00 27.12 ? 12  DG  A C8    1 
ATOM   245 N N7    . DG  A 1 12 ? 5.252   0.423   4.054   1.00 26.45 ? 12  DG  A N7    1 
ATOM   246 C C5    . DG  A 1 12 ? 5.446   1.080   2.853   1.00 24.75 ? 12  DG  A C5    1 
ATOM   247 C C6    . DG  A 1 12 ? 4.768   2.191   2.306   1.00 25.28 ? 12  DG  A C6    1 
ATOM   248 O O6    . DG  A 1 12 ? 3.832   2.841   2.799   1.00 26.33 ? 12  DG  A O6    1 
ATOM   249 N N1    . DG  A 1 12 ? 5.286   2.548   1.069   1.00 23.71 ? 12  DG  A N1    1 
ATOM   250 C C2    . DG  A 1 12 ? 6.316   1.903   0.438   1.00 24.73 ? 12  DG  A C2    1 
ATOM   251 N N2    . DG  A 1 12 ? 6.671   2.378   -0.759  1.00 27.83 ? 12  DG  A N2    1 
ATOM   252 N N3    . DG  A 1 12 ? 6.941   0.856   0.931   1.00 25.88 ? 12  DG  A N3    1 
ATOM   253 C C4    . DG  A 1 12 ? 6.460   0.499   2.141   1.00 25.50 ? 12  DG  A C4    1 
ATOM   254 P P     . DT  A 1 13 ? 11.662  -3.850  2.108   1.00 31.87 ? 13  DT  A P     1 
ATOM   255 O OP1   . DT  A 1 13 ? 12.453  -2.977  3.022   1.00 31.75 ? 13  DT  A OP1   1 
ATOM   256 O OP2   . DT  A 1 13 ? 12.058  -3.970  0.689   1.00 30.91 ? 13  DT  A OP2   1 
ATOM   257 O "O5'" . DT  A 1 13 ? 11.510  -5.311  2.758   1.00 34.81 ? 13  DT  A "O5'" 1 
ATOM   258 C "C5'" . DT  A 1 13 ? 10.785  -6.337  2.096   1.00 36.28 ? 13  DT  A "C5'" 1 
ATOM   259 C "C4'" . DT  A 1 13 ? 11.018  -7.695  2.764   1.00 36.70 ? 13  DT  A "C4'" 1 
ATOM   260 O "O4'" . DT  A 1 13 ? 12.369  -8.153  2.497   1.00 36.80 ? 13  DT  A "O4'" 1 
ATOM   261 C "C3'" . DT  A 1 13 ? 10.876  -7.726  4.283   1.00 38.85 ? 13  DT  A "C3'" 1 
ATOM   262 O "O3'" . DT  A 1 13 ? 10.419  -9.023  4.700   1.00 40.78 ? 13  DT  A "O3'" 1 
ATOM   263 C "C2'" . DT  A 1 13 ? 12.312  -7.473  4.747   1.00 36.79 ? 13  DT  A "C2'" 1 
ATOM   264 C "C1'" . DT  A 1 13 ? 13.090  -8.276  3.714   1.00 35.38 ? 13  DT  A "C1'" 1 
ATOM   265 N N1    . DT  A 1 13 ? 14.482  -7.792  3.463   1.00 35.07 ? 13  DT  A N1    1 
ATOM   266 C C2    . DT  A 1 13 ? 15.557  -8.474  4.009   1.00 36.61 ? 13  DT  A C2    1 
ATOM   267 O O2    . DT  A 1 13 ? 15.444  -9.454  4.731   1.00 35.10 ? 13  DT  A O2    1 
ATOM   268 N N3    . DT  A 1 13 ? 16.780  -7.958  3.679   1.00 32.29 ? 13  DT  A N3    1 
ATOM   269 C C4    . DT  A 1 13 ? 17.033  -6.870  2.873   1.00 33.69 ? 13  DT  A C4    1 
ATOM   270 O O4    . DT  A 1 13 ? 18.164  -6.483  2.636   1.00 36.70 ? 13  DT  A O4    1 
ATOM   271 C C5    . DT  A 1 13 ? 15.876  -6.210  2.334   1.00 34.02 ? 13  DT  A C5    1 
ATOM   272 C C7    . DT  A 1 13 ? 16.040  -5.015  1.452   1.00 36.19 ? 13  DT  A C7    1 
ATOM   273 C C6    . DT  A 1 13 ? 14.671  -6.702  2.642   1.00 35.04 ? 13  DT  A C6    1 
ATOM   274 P P     . DT  A 1 14 ? 8.846   -9.335  4.867   1.00 43.65 ? 14  DT  A P     1 
ATOM   275 O OP1   . DT  A 1 14 ? 8.747   -10.481 5.794   1.00 45.36 ? 14  DT  A OP1   1 
ATOM   276 O OP2   . DT  A 1 14 ? 8.194   -9.360  3.536   1.00 48.49 ? 14  DT  A OP2   1 
ATOM   277 O "O5'" . DT  A 1 14 ? 8.275   -8.057  5.621   1.00 44.47 ? 14  DT  A "O5'" 1 
ATOM   278 C "C5'" . DT  A 1 14 ? 8.290   -8.024  7.018   1.00 43.18 ? 14  DT  A "C5'" 1 
ATOM   279 C "C4'" . DT  A 1 14 ? 7.086   -8.739  7.560   1.00 41.00 ? 14  DT  A "C4'" 1 
ATOM   280 O "O4'" . DT  A 1 14 ? 6.988   -8.482  8.981   1.00 41.90 ? 14  DT  A "O4'" 1 
ATOM   281 C "C3'" . DT  A 1 14 ? 5.754   -8.288  6.952   1.00 41.78 ? 14  DT  A "C3'" 1 
ATOM   282 O "O3'" . DT  A 1 14 ? 4.880   -9.411  6.824   1.00 43.28 ? 14  DT  A "O3'" 1 
ATOM   283 C "C2'" . DT  A 1 14 ? 5.247   -7.295  7.991   1.00 40.77 ? 14  DT  A "C2'" 1 
ATOM   284 C "C1'" . DT  A 1 14 ? 5.708   -7.984  9.268   1.00 40.56 ? 14  DT  A "C1'" 1 
ATOM   285 N N1    . DT  A 1 14 ? 5.795   -7.098  10.444  1.00 40.35 ? 14  DT  A N1    1 
ATOM   286 C C2    . DT  A 1 14 ? 5.034   -7.399  11.548  1.00 44.24 ? 14  DT  A C2    1 
ATOM   287 O O2    . DT  A 1 14 ? 4.292   -8.369  11.599  1.00 43.24 ? 14  DT  A O2    1 
ATOM   288 N N3    . DT  A 1 14 ? 5.169   -6.519  12.600  1.00 46.94 ? 14  DT  A N3    1 
ATOM   289 C C4    . DT  A 1 14 ? 5.980   -5.393  12.655  1.00 41.94 ? 14  DT  A C4    1 
ATOM   290 O O4    . DT  A 1 14 ? 6.029   -4.665  13.646  1.00 41.52 ? 14  DT  A O4    1 
ATOM   291 C C5    . DT  A 1 14 ? 6.760   -5.133  11.460  1.00 40.21 ? 14  DT  A C5    1 
ATOM   292 C C7    . DT  A 1 14 ? 7.679   -3.944  11.402  1.00 34.22 ? 14  DT  A C7    1 
ATOM   293 C C6    . DT  A 1 14 ? 6.628   -5.988  10.419  1.00 40.43 ? 14  DT  A C6    1 
ATOM   294 P P     . DG  A 1 15 ? 3.709   -9.410  5.728   1.00 42.22 ? 15  DG  A P     1 
ATOM   295 O OP1   . DG  A 1 15 ? 2.893   -10.627 5.917   1.00 38.72 ? 15  DG  A OP1   1 
ATOM   296 O OP2   . DG  A 1 15 ? 4.335   -9.120  4.414   1.00 39.85 ? 15  DG  A OP2   1 
ATOM   297 O "O5'" . DG  A 1 15 ? 2.820   -8.149  6.142   1.00 40.79 ? 15  DG  A "O5'" 1 
ATOM   298 C "C5'" . DG  A 1 15 ? 1.891   -7.596  5.219   1.00 34.17 ? 15  DG  A "C5'" 1 
ATOM   299 C "C4'" . DG  A 1 15 ? 0.846   -6.798  5.958   1.00 28.72 ? 15  DG  A "C4'" 1 
ATOM   300 O "O4'" . DG  A 1 15 ? 0.710   -5.481  5.360   1.00 27.25 ? 15  DG  A "O4'" 1 
ATOM   301 C "C3'" . DG  A 1 15 ? -0.544  -7.393  5.946   1.00 27.21 ? 15  DG  A "C3'" 1 
ATOM   302 O "O3'" . DG  A 1 15 ? -1.196  -6.969  7.119   1.00 28.98 ? 15  DG  A "O3'" 1 
ATOM   303 C "C2'" . DG  A 1 15 ? -1.145  -6.738  4.707   1.00 26.71 ? 15  DG  A "C2'" 1 
ATOM   304 C "C1'" . DG  A 1 15 ? -0.593  -5.325  4.851   1.00 24.99 ? 15  DG  A "C1'" 1 
ATOM   305 N N9    . DG  A 1 15 ? -0.485  -4.586  3.597   1.00 25.59 ? 15  DG  A N9    1 
ATOM   306 C C8    . DG  A 1 15 ? 0.454   -4.761  2.614   1.00 25.11 ? 15  DG  A C8    1 
ATOM   307 N N7    . DG  A 1 15 ? 0.319   -3.936  1.614   1.00 23.04 ? 15  DG  A N7    1 
ATOM   308 C C5    . DG  A 1 15 ? -0.767  -3.163  1.959   1.00 21.36 ? 15  DG  A C5    1 
ATOM   309 C C6    . DG  A 1 15 ? -1.376  -2.115  1.261   1.00 23.51 ? 15  DG  A C6    1 
ATOM   310 O O6    . DG  A 1 15 ? -1.059  -1.646  0.163   1.00 25.32 ? 15  DG  A O6    1 
ATOM   311 N N1    . DG  A 1 15 ? -2.450  -1.587  1.959   1.00 23.17 ? 15  DG  A N1    1 
ATOM   312 C C2    . DG  A 1 15 ? -2.883  -2.030  3.173   1.00 23.33 ? 15  DG  A C2    1 
ATOM   313 N N2    . DG  A 1 15 ? -3.944  -1.402  3.685   1.00 24.19 ? 15  DG  A N2    1 
ATOM   314 N N3    . DG  A 1 15 ? -2.329  -3.025  3.837   1.00 23.37 ? 15  DG  A N3    1 
ATOM   315 C C4    . DG  A 1 15 ? -1.275  -3.540  3.174   1.00 23.85 ? 15  DG  A C4    1 
ATOM   316 P P     . DT  A 1 16 ? -2.591  -7.620  7.569   1.00 32.51 ? 16  DT  A P     1 
ATOM   317 O OP1   . DT  A 1 16 ? -2.908  -7.052  8.901   1.00 32.97 ? 16  DT  A OP1   1 
ATOM   318 O OP2   . DT  A 1 16 ? -2.523  -9.073  7.352   1.00 29.16 ? 16  DT  A OP2   1 
ATOM   319 O "O5'" . DT  A 1 16 ? -3.641  -7.046  6.506   1.00 31.58 ? 16  DT  A "O5'" 1 
ATOM   320 C "C5'" . DT  A 1 16 ? -4.084  -5.723  6.600   1.00 28.11 ? 16  DT  A "C5'" 1 
ATOM   321 C "C4'" . DT  A 1 16 ? -5.448  -5.603  5.972   1.00 29.75 ? 16  DT  A "C4'" 1 
ATOM   322 O "O4'" . DT  A 1 16 ? -5.391  -6.087  4.611   1.00 31.84 ? 16  DT  A "O4'" 1 
ATOM   323 C "C3'" . DT  A 1 16 ? -6.543  -6.419  6.646   1.00 33.07 ? 16  DT  A "C3'" 1 
ATOM   324 O "O3'" . DT  A 1 16 ? -7.780  -5.755  6.483   1.00 37.10 ? 16  DT  A "O3'" 1 
ATOM   325 C "C2'" . DT  A 1 16 ? -6.526  -7.722  5.854   1.00 32.68 ? 16  DT  A "C2'" 1 
ATOM   326 C "C1'" . DT  A 1 16 ? -6.276  -7.188  4.456   1.00 32.92 ? 16  DT  A "C1'" 1 
ATOM   327 N N1    . DT  A 1 16 ? -5.632  -8.166  3.553   1.00 30.34 ? 16  DT  A N1    1 
ATOM   328 C C2    . DT  A 1 16 ? -6.175  -8.388  2.311   1.00 33.36 ? 16  DT  A C2    1 
ATOM   329 O O2    . DT  A 1 16 ? -7.193  -7.840  1.908   1.00 34.05 ? 16  DT  A O2    1 
ATOM   330 N N3    . DT  A 1 16 ? -5.497  -9.293  1.549   1.00 33.66 ? 16  DT  A N3    1 
ATOM   331 C C4    . DT  A 1 16 ? -4.350  -9.979  1.889   1.00 34.79 ? 16  DT  A C4    1 
ATOM   332 O O4    . DT  A 1 16 ? -3.818  -10.783 1.127   1.00 37.13 ? 16  DT  A O4    1 
ATOM   333 C C5    . DT  A 1 16 ? -3.825  -9.694  3.198   1.00 32.08 ? 16  DT  A C5    1 
ATOM   334 C C7    . DT  A 1 16 ? -2.582  -10.392 3.676   1.00 29.68 ? 16  DT  A C7    1 
ATOM   335 C C6    . DT  A 1 16 ? -4.483  -8.804  3.961   1.00 29.73 ? 16  DT  A C6    1 
ATOM   336 P P     . DG  A 1 17 ? -8.088  -4.401  7.293   1.00 41.90 ? 17  DG  A P     1 
ATOM   337 O OP1   . DG  A 1 17 ? -7.187  -4.357  8.490   1.00 37.35 ? 17  DG  A OP1   1 
ATOM   338 O OP2   . DG  A 1 17 ? -9.570  -4.325  7.399   1.00 37.57 ? 17  DG  A OP2   1 
ATOM   339 O "O5'" . DG  A 1 17 ? -7.655  -3.235  6.286   1.00 35.23 ? 17  DG  A "O5'" 1 
ATOM   340 C "C5'" . DG  A 1 17 ? -7.753  -1.877  6.683   1.00 32.10 ? 17  DG  A "C5'" 1 
ATOM   341 C "C4'" . DG  A 1 17 ? -8.695  -1.108  5.772   1.00 31.83 ? 17  DG  A "C4'" 1 
ATOM   342 O "O4'" . DG  A 1 17 ? -8.063  -0.865  4.494   1.00 29.26 ? 17  DG  A "O4'" 1 
ATOM   343 C "C3'" . DG  A 1 17 ? -10.020 -1.783  5.449   1.00 32.89 ? 17  DG  A "C3'" 1 
ATOM   344 O "O3'" . DG  A 1 17 ? -11.063 -0.779  5.214   1.00 34.89 ? 17  DG  A "O3'" 1 
ATOM   345 C "C2'" . DG  A 1 17 ? -9.676  -2.541  4.160   1.00 30.67 ? 17  DG  A "C2'" 1 
ATOM   346 C "C1'" . DG  A 1 17 ? -8.782  -1.518  3.460   1.00 30.21 ? 17  DG  A "C1'" 1 
ATOM   347 N N9    . DG  A 1 17 ? -7.764  -2.054  2.557   1.00 28.47 ? 17  DG  A N9    1 
ATOM   348 C C8    . DG  A 1 17 ? -6.859  -3.054  2.827   1.00 27.91 ? 17  DG  A C8    1 
ATOM   349 N N7    . DG  A 1 17 ? -6.013  -3.262  1.857   1.00 25.23 ? 17  DG  A N7    1 
ATOM   350 C C5    . DG  A 1 17 ? -6.352  -2.315  0.903   1.00 24.93 ? 17  DG  A C5    1 
ATOM   351 C C6    . DG  A 1 17 ? -5.777  -2.057  -0.356  1.00 25.69 ? 17  DG  A C6    1 
ATOM   352 O O6    . DG  A 1 17 ? -4.814  -2.639  -0.890  1.00 25.70 ? 17  DG  A O6    1 
ATOM   353 N N1    . DG  A 1 17 ? -6.432  -1.016  -1.019  1.00 23.77 ? 17  DG  A N1    1 
ATOM   354 C C2    . DG  A 1 17 ? -7.500  -0.313  -0.510  1.00 25.88 ? 17  DG  A C2    1 
ATOM   355 N N2    . DG  A 1 17 ? -8.000  0.657   -1.284  1.00 24.28 ? 17  DG  A N2    1 
ATOM   356 N N3    . DG  A 1 17 ? -8.041  -0.546  0.672   1.00 25.71 ? 17  DG  A N3    1 
ATOM   357 C C4    . DG  A 1 17 ? -7.420  -1.557  1.319   1.00 25.52 ? 17  DG  A C4    1 
ATOM   358 P P     . DG  A 1 18 ? -11.085 0.658   5.963   1.00 35.60 ? 18  DG  A P     1 
ATOM   359 O OP1   . DG  A 1 18 ? -10.689 0.496   7.379   1.00 35.26 ? 18  DG  A OP1   1 
ATOM   360 O OP2   . DG  A 1 18 ? -12.375 1.305   5.663   1.00 34.34 ? 18  DG  A OP2   1 
ATOM   361 O "O5'" . DG  A 1 18 ? -10.014 1.540   5.154   1.00 34.16 ? 18  DG  A "O5'" 1 
ATOM   362 C "C5'" . DG  A 1 18 ? -9.853  2.924   5.436   1.00 29.02 ? 18  DG  A "C5'" 1 
ATOM   363 C "C4'" . DG  A 1 18 ? -9.566  3.701   4.162   1.00 29.40 ? 18  DG  A "C4'" 1 
ATOM   364 O "O4'" . DG  A 1 18 ? -8.196  3.470   3.712   1.00 28.14 ? 18  DG  A "O4'" 1 
ATOM   365 C "C3'" . DG  A 1 18 ? -10.442 3.340   2.969   1.00 30.81 ? 18  DG  A "C3'" 1 
ATOM   366 O "O3'" . DG  A 1 18 ? -10.707 4.507   2.257   1.00 31.87 ? 18  DG  A "O3'" 1 
ATOM   367 C "C2'" . DG  A 1 18 ? -9.533  2.417   2.155   1.00 28.08 ? 18  DG  A "C2'" 1 
ATOM   368 C "C1'" . DG  A 1 18 ? -8.213  3.133   2.338   1.00 26.01 ? 18  DG  A "C1'" 1 
ATOM   369 N N9    . DG  A 1 18 ? -7.035  2.316   2.018   1.00 25.42 ? 18  DG  A N9    1 
ATOM   370 C C8    . DG  A 1 18 ? -6.518  1.286   2.760   1.00 26.63 ? 18  DG  A C8    1 
ATOM   371 N N7    . DG  A 1 18 ? -5.461  0.734   2.225   1.00 26.69 ? 18  DG  A N7    1 
ATOM   372 C C5    . DG  A 1 18 ? -5.270  1.443   1.052   1.00 23.74 ? 18  DG  A C5    1 
ATOM   373 C C6    . DG  A 1 18 ? -4.278  1.296   0.068   1.00 23.04 ? 18  DG  A C6    1 
ATOM   374 O O6    . DG  A 1 18 ? -3.355  0.484   0.035   1.00 22.61 ? 18  DG  A O6    1 
ATOM   375 N N1    . DG  A 1 18 ? -4.434  2.208   -0.966  1.00 24.62 ? 18  DG  A N1    1 
ATOM   376 C C2    . DG  A 1 18 ? -5.428  3.153   -1.035  1.00 25.87 ? 18  DG  A C2    1 
ATOM   377 N N2    . DG  A 1 18 ? -5.419  3.946   -2.121  1.00 24.82 ? 18  DG  A N2    1 
ATOM   378 N N3    . DG  A 1 18 ? -6.367  3.307   -0.107  1.00 24.88 ? 18  DG  A N3    1 
ATOM   379 C C4    . DG  A 1 18 ? -6.222  2.420   0.906   1.00 23.15 ? 18  DG  A C4    1 
ATOM   380 P P     . DT  A 1 19 ? -12.031 4.627   1.373   1.00 37.02 ? 19  DT  A P     1 
ATOM   381 O OP1   . DT  A 1 19 ? -12.207 6.081   1.160   1.00 40.85 ? 19  DT  A OP1   1 
ATOM   382 O OP2   . DT  A 1 19 ? -13.070 3.762   1.986   1.00 34.30 ? 19  DT  A OP2   1 
ATOM   383 O "O5'" . DT  A 1 19 ? -11.649 3.942   -0.014  1.00 33.31 ? 19  DT  A "O5'" 1 
ATOM   384 C "C5'" . DT  A 1 19 ? -10.541 4.412   -0.752  1.00 32.79 ? 19  DT  A "C5'" 1 
ATOM   385 C "C4'" . DT  A 1 19 ? -10.556 3.826   -2.152  1.00 34.69 ? 19  DT  A "C4'" 1 
ATOM   386 O "O4'" . DT  A 1 19 ? -10.177 2.423   -2.117  1.00 32.37 ? 19  DT  A "O4'" 1 
ATOM   387 C "C3'" . DT  A 1 19 ? -11.906 3.868   -2.845  1.00 33.32 ? 19  DT  A "C3'" 1 
ATOM   388 O "O3'" . DT  A 1 19 ? -11.712 4.048   -4.240  1.00 35.82 ? 19  DT  A "O3'" 1 
ATOM   389 C "C2'" . DT  A 1 19 ? -12.497 2.489   -2.523  1.00 32.31 ? 19  DT  A "C2'" 1 
ATOM   390 C "C1'" . DT  A 1 19 ? -11.256 1.605   -2.539  1.00 31.50 ? 19  DT  A "C1'" 1 
ATOM   391 N N1    . DT  A 1 19 ? -11.312 0.444   -1.607  1.00 30.79 ? 19  DT  A N1    1 
ATOM   392 C C2    . DT  A 1 19 ? -10.904 -0.795  -2.049  1.00 32.61 ? 19  DT  A C2    1 
ATOM   393 O O2    . DT  A 1 19 ? -10.533 -1.011  -3.190  1.00 33.28 ? 19  DT  A O2    1 
ATOM   394 N N3    . DT  A 1 19 ? -10.957 -1.786  -1.106  1.00 31.29 ? 19  DT  A N3    1 
ATOM   395 C C4    . DT  A 1 19 ? -11.339 -1.656  0.211   1.00 31.85 ? 19  DT  A C4    1 
ATOM   396 O O4    . DT  A 1 19 ? -11.339 -2.603  0.984   1.00 33.07 ? 19  DT  A O4    1 
ATOM   397 C C5    . DT  A 1 19 ? -11.740 -0.329  0.615   1.00 30.49 ? 19  DT  A C5    1 
ATOM   398 C C7    . DT  A 1 19 ? -12.188 -0.074  2.024   1.00 28.35 ? 19  DT  A C7    1 
ATOM   399 C C6    . DT  A 1 19 ? -11.704 0.646   -0.302  1.00 30.54 ? 19  DT  A C6    1 
ATOM   400 P P     . DG  A 1 20 ? -11.171 5.451   -4.811  1.00 40.71 ? 20  DG  A P     1 
ATOM   401 O OP1   . DG  A 1 20 ? -11.563 6.535   -3.878  1.00 38.42 ? 20  DG  A OP1   1 
ATOM   402 O OP2   . DG  A 1 20 ? -11.575 5.477   -6.238  1.00 38.30 ? 20  DG  A OP2   1 
ATOM   403 O "O5'" . DG  A 1 20 ? -9.570  5.323   -4.712  1.00 36.39 ? 20  DG  A "O5'" 1 
ATOM   404 C "C5'" . DG  A 1 20 ? -8.738  6.453   -4.983  1.00 31.11 ? 20  DG  A "C5'" 1 
ATOM   405 C "C4'" . DG  A 1 20 ? -7.812  6.184   -6.157  1.00 33.80 ? 20  DG  A "C4'" 1 
ATOM   406 O "O4'" . DG  A 1 20 ? -6.815  5.183   -5.806  1.00 32.80 ? 20  DG  A "O4'" 1 
ATOM   407 C "C3'" . DG  A 1 20 ? -8.476  5.653   -7.413  1.00 35.05 ? 20  DG  A "C3'" 1 
ATOM   408 O "O3'" . DG  A 1 20 ? -7.711  6.041   -8.570  1.00 39.90 ? 20  DG  A "O3'" 1 
ATOM   409 C "C2'" . DG  A 1 20 ? -8.401  4.135   -7.194  1.00 31.56 ? 20  DG  A "C2'" 1 
ATOM   410 C "C1'" . DG  A 1 20 ? -7.012  4.008   -6.581  1.00 30.60 ? 20  DG  A "C1'" 1 
ATOM   411 N N9    . DG  A 1 20 ? -6.824  2.896   -5.666  1.00 27.17 ? 20  DG  A N9    1 
ATOM   412 C C8    . DG  A 1 20 ? -7.537  2.643   -4.526  1.00 28.01 ? 20  DG  A C8    1 
ATOM   413 N N7    . DG  A 1 20 ? -7.093  1.616   -3.855  1.00 29.42 ? 20  DG  A N7    1 
ATOM   414 C C5    . DG  A 1 20 ? -6.004  1.179   -4.585  1.00 25.96 ? 20  DG  A C5    1 
ATOM   415 C C6    . DG  A 1 20 ? -5.128  0.109   -4.340  1.00 23.28 ? 20  DG  A C6    1 
ATOM   416 O O6    . DG  A 1 20 ? -5.144  -0.691  -3.399  1.00 23.60 ? 20  DG  A O6    1 
ATOM   417 N N1    . DG  A 1 20 ? -4.157  0.009   -5.320  1.00 24.20 ? 20  DG  A N1    1 
ATOM   418 C C2    . DG  A 1 20 ? -4.045  0.845   -6.408  1.00 28.37 ? 20  DG  A C2    1 
ATOM   419 N N2    . DG  A 1 20 ? -3.034  0.591   -7.259  1.00 29.95 ? 20  DG  A N2    1 
ATOM   420 N N3    . DG  A 1 20 ? -4.866  1.851   -6.652  1.00 27.75 ? 20  DG  A N3    1 
ATOM   421 C C4    . DG  A 1 20 ? -5.815  1.964   -5.694  1.00 26.98 ? 20  DG  A C4    1 
ATOM   422 P P     . DG  A 1 21 ? -6.930  7.452   -8.651  1.00 37.84 ? 21  DG  A P     1 
ATOM   423 O OP1   . DG  A 1 21 ? -7.711  8.530   -7.980  1.00 34.73 ? 21  DG  A OP1   1 
ATOM   424 O OP2   . DG  A 1 21 ? -6.534  7.604   -10.065 1.00 37.60 ? 21  DG  A OP2   1 
ATOM   425 O "O5'" . DG  A 1 21 ? -5.534  7.169   -7.916  1.00 39.31 ? 21  DG  A "O5'" 1 
ATOM   426 C "C5'" . DG  A 1 21 ? -4.453  8.076   -8.073  1.00 36.39 ? 21  DG  A "C5'" 1 
ATOM   427 C "C4'" . DG  A 1 21 ? -3.159  7.344   -8.373  1.00 35.26 ? 21  DG  A "C4'" 1 
ATOM   428 O "O4'" . DG  A 1 21 ? -2.687  6.654   -7.183  1.00 35.38 ? 21  DG  A "O4'" 1 
ATOM   429 C "C3'" . DG  A 1 21 ? -3.236  6.268   -9.448  1.00 33.88 ? 21  DG  A "C3'" 1 
ATOM   430 O "O3'" . DG  A 1 21 ? -1.978  6.207   -10.082 1.00 33.93 ? 21  DG  A "O3'" 1 
ATOM   431 C "C2'" . DG  A 1 21 ? -3.480  5.012   -8.616  1.00 32.42 ? 21  DG  A "C2'" 1 
ATOM   432 C "C1'" . DG  A 1 21 ? -2.514  5.286   -7.484  1.00 29.71 ? 21  DG  A "C1'" 1 
ATOM   433 N N9    . DG  A 1 21 ? -2.720  4.510   -6.256  1.00 28.21 ? 21  DG  A N9    1 
ATOM   434 C C8    . DG  A 1 21 ? -3.698  4.695   -5.310  1.00 27.68 ? 21  DG  A C8    1 
ATOM   435 N N7    . DG  A 1 21 ? -3.611  3.873   -4.303  1.00 24.46 ? 21  DG  A N7    1 
ATOM   436 C C5    . DG  A 1 21 ? -2.488  3.109   -4.588  1.00 26.07 ? 21  DG  A C5    1 
ATOM   437 C C6    . DG  A 1 21 ? -1.893  2.053   -3.853  1.00 24.58 ? 21  DG  A C6    1 
ATOM   438 O O6    . DG  A 1 21 ? -2.252  1.581   -2.768  1.00 24.23 ? 21  DG  A O6    1 
ATOM   439 N N1    . DG  A 1 21 ? -0.769  1.541   -4.497  1.00 24.20 ? 21  DG  A N1    1 
ATOM   440 C C2    . DG  A 1 21 ? -0.283  1.994   -5.700  1.00 25.31 ? 21  DG  A C2    1 
ATOM   441 N N2    . DG  A 1 21 ? 0.819   1.379   -6.160  1.00 25.54 ? 21  DG  A N2    1 
ATOM   442 N N3    . DG  A 1 21 ? -0.831  2.981   -6.398  1.00 23.80 ? 21  DG  A N3    1 
ATOM   443 C C4    . DG  A 1 21 ? -1.925  3.489   -5.782  1.00 25.72 ? 21  DG  A C4    1 
ATOM   444 P P     . DT  A 1 22 ? -1.843  5.644   -11.572 1.00 33.54 ? 22  DT  A P     1 
ATOM   445 O OP1   . DT  A 1 22 ? -0.536  6.075   -12.112 1.00 35.57 ? 22  DT  A OP1   1 
ATOM   446 O OP2   . DT  A 1 22 ? -3.083  6.027   -12.271 1.00 35.98 ? 22  DT  A OP2   1 
ATOM   447 O "O5'" . DT  A 1 22 ? -1.818  4.060   -11.372 1.00 37.14 ? 22  DT  A "O5'" 1 
ATOM   448 C "C5'" . DT  A 1 22 ? -0.761  3.453   -10.636 1.00 34.49 ? 22  DT  A "C5'" 1 
ATOM   449 C "C4'" . DT  A 1 22 ? -0.816  1.938   -10.775 1.00 36.05 ? 22  DT  A "C4'" 1 
ATOM   450 O "O4'" . DT  A 1 22 ? -2.020  1.441   -10.151 1.00 34.76 ? 22  DT  A "O4'" 1 
ATOM   451 C "C3'" . DT  A 1 22 ? -0.842  1.412   -12.207 1.00 37.85 ? 22  DT  A "C3'" 1 
ATOM   452 O "O3'" . DT  A 1 22 ? -0.105  0.221   -12.290 1.00 38.21 ? 22  DT  A "O3'" 1 
ATOM   453 C "C2'" . DT  A 1 22 ? -2.324  1.153   -12.463 1.00 37.11 ? 22  DT  A "C2'" 1 
ATOM   454 C "C1'" . DT  A 1 22 ? -2.814  0.745   -11.089 1.00 34.84 ? 22  DT  A "C1'" 1 
ATOM   455 N N1    . DT  A 1 22 ? -4.207  1.132   -10.833 1.00 40.02 ? 22  DT  A N1    1 
ATOM   456 C C2    . DT  A 1 22 ? -5.056  0.219   -10.263 1.00 42.02 ? 22  DT  A C2    1 
ATOM   457 O O2    . DT  A 1 22 ? -4.714  -0.922  -9.978  1.00 41.17 ? 22  DT  A O2    1 
ATOM   458 N N3    . DT  A 1 22 ? -6.330  0.682   -10.045 1.00 38.35 ? 22  DT  A N3    1 
ATOM   459 C C4    . DT  A 1 22 ? -6.817  1.946   -10.333 1.00 41.89 ? 22  DT  A C4    1 
ATOM   460 O O4    . DT  A 1 22 ? -7.975  2.278   -10.101 1.00 46.91 ? 22  DT  A O4    1 
ATOM   461 C C5    . DT  A 1 22 ? -5.870  2.855   -10.924 1.00 40.37 ? 22  DT  A C5    1 
ATOM   462 C C7    . DT  A 1 22 ? -6.300  4.252   -11.278 1.00 40.29 ? 22  DT  A C7    1 
ATOM   463 C C6    . DT  A 1 22 ? -4.622  2.414   -11.141 1.00 36.92 ? 22  DT  A C6    1 
ATOM   464 P P     . DG  A 1 23 ? 1.496   0.277   -12.325 1.00 43.51 ? 23  DG  A P     1 
ATOM   465 O OP1   . DG  A 1 23 ? 1.897   1.597   -12.859 1.00 39.62 ? 23  DG  A OP1   1 
ATOM   466 O OP2   . DG  A 1 23 ? 1.943   -0.980  -12.988 1.00 41.11 ? 23  DG  A OP2   1 
ATOM   467 O "O5'" . DG  A 1 23 ? 1.906   0.265   -10.772 1.00 39.11 ? 23  DG  A "O5'" 1 
ATOM   468 C "C5'" . DG  A 1 23 ? 3.267   0.329   -10.389 1.00 30.93 ? 23  DG  A "C5'" 1 
ATOM   469 C "C4'" . DG  A 1 23 ? 3.693   -0.952  -9.703  1.00 32.26 ? 23  DG  A "C4'" 1 
ATOM   470 O "O4'" . DG  A 1 23 ? 2.902   -1.179  -8.515  1.00 31.25 ? 23  DG  A "O4'" 1 
ATOM   471 C "C3'" . DG  A 1 23 ? 3.540   -2.216  -10.528 1.00 34.22 ? 23  DG  A "C3'" 1 
ATOM   472 O "O3'" . DG  A 1 23 ? 4.557   -3.145  -10.151 1.00 35.01 ? 23  DG  A "O3'" 1 
ATOM   473 C "C2'" . DG  A 1 23 ? 2.147   -2.711  -10.112 1.00 31.69 ? 23  DG  A "C2'" 1 
ATOM   474 C "C1'" . DG  A 1 23 ? 2.200   -2.407  -8.626  1.00 29.49 ? 23  DG  A "C1'" 1 
ATOM   475 N N9    . DG  A 1 23 ? 0.923   -2.199  -7.953  1.00 26.57 ? 23  DG  A N9    1 
ATOM   476 C C8    . DG  A 1 23 ? -0.066  -1.313  -8.299  1.00 27.26 ? 23  DG  A C8    1 
ATOM   477 N N7    . DG  A 1 23 ? -1.061  -1.288  -7.450  1.00 25.91 ? 23  DG  A N7    1 
ATOM   478 C C5    . DG  A 1 23 ? -0.678  -2.184  -6.458  1.00 25.14 ? 23  DG  A C5    1 
ATOM   479 C C6    . DG  A 1 23 ? -1.338  -2.568  -5.268  1.00 22.63 ? 23  DG  A C6    1 
ATOM   480 O O6    . DG  A 1 23 ? -2.428  -2.181  -4.836  1.00 23.26 ? 23  DG  A O6    1 
ATOM   481 N N1    . DG  A 1 23 ? -0.605  -3.506  -4.551  1.00 22.22 ? 23  DG  A N1    1 
ATOM   482 C C2    . DG  A 1 23 ? 0.612   -4.015  -4.935  1.00 22.17 ? 23  DG  A C2    1 
ATOM   483 N N2    . DG  A 1 23 ? 1.171   -4.912  -4.113  1.00 22.91 ? 23  DG  A N2    1 
ATOM   484 N N3    . DG  A 1 23 ? 1.243   -3.661  -6.041  1.00 24.11 ? 23  DG  A N3    1 
ATOM   485 C C4    . DG  A 1 23 ? 0.541   -2.741  -6.751  1.00 26.13 ? 23  DG  A C4    1 
ATOM   486 P P     . DG  A 1 24 ? 6.069   -2.674  -9.813  1.00 37.44 ? 24  DG  A P     1 
ATOM   487 O OP1   . DG  A 1 24 ? 6.450   -1.430  -10.515 1.00 37.24 ? 24  DG  A OP1   1 
ATOM   488 O OP2   . DG  A 1 24 ? 6.915   -3.878  -9.960  1.00 38.25 ? 24  DG  A OP2   1 
ATOM   489 O "O5'" . DG  A 1 24 ? 6.049   -2.382  -8.250  1.00 32.34 ? 24  DG  A "O5'" 1 
ATOM   490 C "C5'" . DG  A 1 24 ? 7.264   -2.343  -7.533  1.00 34.56 ? 24  DG  A "C5'" 1 
ATOM   491 C "C4'" . DG  A 1 24 ? 7.070   -2.953  -6.175  1.00 31.08 ? 24  DG  A "C4'" 1 
ATOM   492 O "O4'" . DG  A 1 24 ? 6.118   -2.146  -5.430  1.00 28.37 ? 24  DG  A "O4'" 1 
ATOM   493 C "C3'" . DG  A 1 24 ? 6.488   -4.375  -6.206  1.00 32.54 ? 24  DG  A "C3'" 1 
ATOM   494 O "O3'" . DG  A 1 24 ? 7.147   -5.186  -5.214  1.00 32.93 ? 24  DG  A "O3'" 1 
ATOM   495 C "C2'" . DG  A 1 24 ? 5.014   -4.139  -5.866  1.00 28.21 ? 24  DG  A "C2'" 1 
ATOM   496 C "C1'" . DG  A 1 24 ? 5.153   -3.001  -4.871  1.00 27.68 ? 24  DG  A "C1'" 1 
ATOM   497 N N9    . DG  A 1 24 ? 3.932   -2.243  -4.624  1.00 23.96 ? 24  DG  A N9    1 
ATOM   498 C C8    . DG  A 1 24 ? 3.384   -1.278  -5.421  1.00 24.73 ? 24  DG  A C8    1 
ATOM   499 N N7    . DG  A 1 24 ? 2.288   -0.766  -4.933  1.00 24.46 ? 24  DG  A N7    1 
ATOM   500 C C5    . DG  A 1 24 ? 2.111   -1.427  -3.723  1.00 23.39 ? 24  DG  A C5    1 
ATOM   501 C C6    . DG  A 1 24 ? 1.092   -1.294  -2.744  1.00 22.31 ? 24  DG  A C6    1 
ATOM   502 O O6    . DG  A 1 24 ? 0.114   -0.539  -2.752  1.00 22.81 ? 24  DG  A O6    1 
ATOM   503 N N1    . DG  A 1 24 ? 1.283   -2.167  -1.681  1.00 21.75 ? 24  DG  A N1    1 
ATOM   504 C C2    . DG  A 1 24 ? 2.328   -3.041  -1.573  1.00 21.96 ? 24  DG  A C2    1 
ATOM   505 N N2    . DG  A 1 24 ? 2.353   -3.797  -0.472  1.00 21.82 ? 24  DG  A N2    1 
ATOM   506 N N3    . DG  A 1 24 ? 3.281   -3.172  -2.475  1.00 22.43 ? 24  DG  A N3    1 
ATOM   507 C C4    . DG  A 1 24 ? 3.110   -2.337  -3.521  1.00 22.55 ? 24  DG  A C4    1 
ATOM   508 P P     . DT  A 1 25 ? 7.264   -6.779  -5.391  1.00 31.90 ? 25  DT  A P     1 
ATOM   509 O OP1   . DT  A 1 25 ? 8.272   -7.234  -4.417  1.00 33.74 ? 25  DT  A OP1   1 
ATOM   510 O OP2   . DT  A 1 25 ? 7.414   -7.102  -6.824  1.00 31.38 ? 25  DT  A OP2   1 
ATOM   511 O "O5'" . DT  A 1 25 ? 5.837   -7.309  -4.907  1.00 32.47 ? 25  DT  A "O5'" 1 
ATOM   512 C "C5'" . DT  A 1 25 ? 5.415   -7.061  -3.565  1.00 30.95 ? 25  DT  A "C5'" 1 
ATOM   513 C "C4'" . DT  A 1 25 ? 4.094   -7.745  -3.285  1.00 30.11 ? 25  DT  A "C4'" 1 
ATOM   514 O "O4'" . DT  A 1 25 ? 3.073   -7.149  -4.124  1.00 28.95 ? 25  DT  A "O4'" 1 
ATOM   515 C "C3'" . DT  A 1 25 ? 4.073   -9.245  -3.582  1.00 31.93 ? 25  DT  A "C3'" 1 
ATOM   516 O "O3'" . DT  A 1 25 ? 3.311   -9.930  -2.614  1.00 32.53 ? 25  DT  A "O3'" 1 
ATOM   517 C "C2'" . DT  A 1 25 ? 3.411   -9.321  -4.954  1.00 31.05 ? 25  DT  A "C2'" 1 
ATOM   518 C "C1'" . DT  A 1 25 ? 2.445   -8.148  -4.901  1.00 28.91 ? 25  DT  A "C1'" 1 
ATOM   519 N N1    . DT  A 1 25 ? 2.175   -7.579  -6.223  1.00 29.92 ? 25  DT  A N1    1 
ATOM   520 C C2    . DT  A 1 25 ? 0.874   -7.388  -6.626  1.00 27.83 ? 25  DT  A C2    1 
ATOM   521 O O2    . DT  A 1 25 ? -0.091  -7.667  -5.932  1.00 27.55 ? 25  DT  A O2    1 
ATOM   522 N N3    . DT  A 1 25 ? 0.741   -6.845  -7.872  1.00 26.93 ? 25  DT  A N3    1 
ATOM   523 C C4    . DT  A 1 25 ? 1.760   -6.497  -8.743  1.00 29.22 ? 25  DT  A C4    1 
ATOM   524 O O4    . DT  A 1 25 ? 1.542   -6.017  -9.849  1.00 33.10 ? 25  DT  A O4    1 
ATOM   525 C C5    . DT  A 1 25 ? 3.095   -6.722  -8.255  1.00 28.95 ? 25  DT  A C5    1 
ATOM   526 C C7    . DT  A 1 25 ? 4.279   -6.365  -9.104  1.00 30.38 ? 25  DT  A C7    1 
ATOM   527 C C6    . DT  A 1 25 ? 3.238   -7.241  -7.031  1.00 29.33 ? 25  DT  A C6    1 
ATOM   528 P P     . DG  A 1 26 ? 3.964   -10.340 -1.206  1.00 38.26 ? 26  DG  A P     1 
ATOM   529 O OP1   . DG  A 1 26 ? 5.410   -10.036 -1.205  1.00 38.47 ? 26  DG  A OP1   1 
ATOM   530 O OP2   . DG  A 1 26 ? 3.475   -11.708 -0.941  1.00 41.98 ? 26  DG  A OP2   1 
ATOM   531 O "O5'" . DG  A 1 26 ? 3.284   -9.326  -0.181  1.00 36.48 ? 26  DG  A "O5'" 1 
ATOM   532 C "C5'" . DG  A 1 26 ? 3.435   -9.508  1.221   1.00 34.99 ? 26  DG  A "C5'" 1 
ATOM   533 C "C4'" . DG  A 1 26 ? 2.072   -9.619  1.868   1.00 33.91 ? 26  DG  A "C4'" 1 
ATOM   534 O "O4'" . DG  A 1 26 ? 1.327   -8.383  1.654   1.00 32.88 ? 26  DG  A "O4'" 1 
ATOM   535 C "C3'" . DG  A 1 26 ? 1.205   -10.732 1.298   1.00 32.77 ? 26  DG  A "C3'" 1 
ATOM   536 O "O3'" . DG  A 1 26 ? 0.521   -11.374 2.337   1.00 37.15 ? 26  DG  A "O3'" 1 
ATOM   537 C "C2'" . DG  A 1 26 ? 0.239   -10.000 0.357   1.00 30.83 ? 26  DG  A "C2'" 1 
ATOM   538 C "C1'" . DG  A 1 26 ? 0.078   -8.660  1.042   1.00 28.02 ? 26  DG  A "C1'" 1 
ATOM   539 N N9    . DG  A 1 26 ? -0.218  -7.578  0.109   1.00 28.81 ? 26  DG  A N9    1 
ATOM   540 C C8    . DG  A 1 26 ? 0.481   -7.264  -1.035  1.00 26.95 ? 26  DG  A C8    1 
ATOM   541 N N7    . DG  A 1 26 ? -0.006  -6.243  -1.680  1.00 22.71 ? 26  DG  A N7    1 
ATOM   542 C C5    . DG  A 1 26 ? -1.094  -5.847  -0.912  1.00 25.28 ? 26  DG  A C5    1 
ATOM   543 C C6    . DG  A 1 26 ? -2.006  -4.777  -1.109  1.00 25.45 ? 26  DG  A C6    1 
ATOM   544 O O6    . DG  A 1 26 ? -2.028  -3.941  -2.032  1.00 24.00 ? 26  DG  A O6    1 
ATOM   545 N N1    . DG  A 1 26 ? -2.964  -4.722  -0.096  1.00 24.59 ? 26  DG  A N1    1 
ATOM   546 C C2    . DG  A 1 26 ? -3.026  -5.582  0.975   1.00 26.43 ? 26  DG  A C2    1 
ATOM   547 N N2    . DG  A 1 26 ? -4.027  -5.367  1.851   1.00 25.96 ? 26  DG  A N2    1 
ATOM   548 N N3    . DG  A 1 26 ? -2.168  -6.589  1.176   1.00 25.33 ? 26  DG  A N3    1 
ATOM   549 C C4    . DG  A 1 26 ? -1.236  -6.659  0.194   1.00 24.41 ? 26  DG  A C4    1 
ATOM   550 P P     . DT  A 1 27 ? 0.434   -12.975 2.363   1.00 38.07 ? 27  DT  A P     1 
ATOM   551 O OP1   . DT  A 1 27 ? -0.452  -13.287 3.508   1.00 36.23 ? 27  DT  A OP1   1 
ATOM   552 O OP2   . DT  A 1 27 ? 1.811   -13.518 2.244   1.00 32.55 ? 27  DT  A OP2   1 
ATOM   553 O "O5'" . DT  A 1 27 ? -0.370  -13.337 1.023   1.00 40.19 ? 27  DT  A "O5'" 1 
ATOM   554 C "C5'" . DT  A 1 27 ? 0.089   -14.388 0.164   1.00 39.18 ? 27  DT  A "C5'" 1 
ATOM   555 C "C4'" . DT  A 1 27 ? -0.966  -14.725 -0.884  1.00 41.52 ? 27  DT  A "C4'" 1 
ATOM   556 O "O4'" . DT  A 1 27 ? -2.194  -14.036 -0.574  1.00 41.29 ? 27  DT  A "O4'" 1 
ATOM   557 C "C3'" . DT  A 1 27 ? -0.632  -14.282 -2.299  1.00 43.80 ? 27  DT  A "C3'" 1 
ATOM   558 O "O3'" . DT  A 1 27 ? 0.088   -15.312 -2.969  1.00 55.10 ? 27  DT  A "O3'" 1 
ATOM   559 C "C2'" . DT  A 1 27 ? -2.009  -14.072 -2.947  1.00 34.82 ? 27  DT  A "C2'" 1 
ATOM   560 C "C1'" . DT  A 1 27 ? -2.952  -13.893 -1.756  1.00 33.84 ? 27  DT  A "C1'" 1 
ATOM   561 N N1    . DT  A 1 27 ? -3.596  -12.582 -1.733  1.00 32.30 ? 27  DT  A N1    1 
ATOM   562 C C2    . DT  A 1 27 ? -4.869  -12.489 -1.248  1.00 33.72 ? 27  DT  A C2    1 
ATOM   563 O O2    . DT  A 1 27 ? -5.481  -13.453 -0.819  1.00 33.18 ? 27  DT  A O2    1 
ATOM   564 N N3    . DT  A 1 27 ? -5.406  -11.222 -1.275  1.00 31.28 ? 27  DT  A N3    1 
ATOM   565 C C4    . DT  A 1 27 ? -4.791  -10.069 -1.732  1.00 31.82 ? 27  DT  A C4    1 
ATOM   566 O O4    . DT  A 1 27 ? -5.344  -8.971  -1.714  1.00 33.81 ? 27  DT  A O4    1 
ATOM   567 C C5    . DT  A 1 27 ? -3.445  -10.236 -2.223  1.00 34.02 ? 27  DT  A C5    1 
ATOM   568 C C7    . DT  A 1 27 ? -2.684  -9.046  -2.739  1.00 29.69 ? 27  DT  A C7    1 
ATOM   569 C C6    . DT  A 1 27 ? -2.915  -11.474 -2.204  1.00 34.08 ? 27  DT  A C6    1 
HETATM 570 K K     . K   B 2 .  ? -2.659  -1.332  -2.087  1.00 21.90 1 101 K   A K     1 
HETATM 571 K K     . K   C 2 .  ? 1.448   3.418   1.246   1.00 22.49 1 102 K   A K     1 
HETATM 572 K K     . K   D 2 .  ? -0.671  1.127   -0.435  1.00 21.94 1 103 K   A K     1 
HETATM 573 O O     . HOH E 3 .  ? 4.822   -2.669  12.411  1.00 35.75 ? 201 HOH A O     1 
HETATM 574 O O     . HOH E 3 .  ? -10.234 -4.344  -1.804  1.00 33.95 ? 202 HOH A O     1 
HETATM 575 O O     . HOH E 3 .  ? -3.946  -2.451  6.615   1.00 29.60 ? 203 HOH A O     1 
HETATM 576 O O     . HOH E 3 .  ? 3.783   -4.164  4.426   1.00 28.58 ? 204 HOH A O     1 
HETATM 577 O O     . HOH E 3 .  ? -6.047  -6.239  -2.217  1.00 26.02 ? 205 HOH A O     1 
HETATM 578 O O     . HOH E 3 .  ? -8.028  -6.293  -0.382  1.00 27.58 ? 206 HOH A O     1 
HETATM 579 O O     . HOH E 3 .  ? 5.864   0.697   -6.011  1.00 32.34 ? 207 HOH A O     1 
HETATM 580 O O     . HOH E 3 .  ? 14.695  -1.115  3.690   1.00 29.88 ? 208 HOH A O     1 
HETATM 581 O O     . HOH E 3 .  ? 2.307   5.329   9.478   1.00 35.75 ? 209 HOH A O     1 
HETATM 582 O O     . HOH E 3 .  ? 7.291   7.124   0.410   1.00 30.44 ? 210 HOH A O     1 
# 
